data_6P5Z
#
_entry.id   6P5Z
#
_cell.length_a   59.601
_cell.length_b   100.446
_cell.length_c   146.400
_cell.angle_alpha   90.000
_cell.angle_beta   90.000
_cell.angle_gamma   90.000
#
_symmetry.space_group_name_H-M   'P 21 21 21'
#
loop_
_entity.id
_entity.type
_entity.pdbx_description
1 polymer 'Siroheme synthase'
2 non-polymer S-ADENOSYL-L-HOMOCYSTEINE
3 non-polymer cobalt-sirohydrochlorin
4 non-polymer 'CHLORIDE ION'
5 water water
#
_entity_poly.entity_id   1
_entity_poly.type   'polypeptide(L)'
_entity_poly.pdbx_seq_one_letter_code
;MDHLPIFCQLRDRDCLIVGGGDVAERKARLLLEAGARLTVNALTFIPQFTVWANEGMLTLVEGPFDETLLDSCWLAIAAT
DDDTVNQRVSDAAESRRIFCNVVDAPKAASFIMPSIIDRSPLMVAVSAGGTSPVLARLLREKLESLLPQHLGQVARYAGQ
LRARVKKQFATMGERRRFWEKFFVNDRLAQSLANADEKAVNATTERLFSEPLDHRGEVVLVGAGPGDAGLLTLKGLQQIQ
QADIVVYDRLVSDDIMNLVRRDADRVFVGKRAGYHCVPQEEINQILLREAQKGKRVVRLKGGDPFIFGRGGEELETLCHA
GIPFSVVPGITAASGCSAYSGIPLTHRDYAQSVRLVTGHLKTGGELDWENLAAEKQTLVFYMGLNQAATIQEKLIAFGMQ
ADMPVALVENGTSVKQRVVHGVLTQLGELAQQVESPALIIVGRVVALRDKLNWFSNH
;
_entity_poly.pdbx_strand_id   A,B
#
# COMPACT_ATOMS: atom_id res chain seq x y z
N MET A 1 7.27 -6.08 13.76
CA MET A 1 6.00 -5.91 14.46
C MET A 1 6.15 -6.25 15.93
N ASP A 2 5.55 -5.44 16.80
CA ASP A 2 5.80 -5.69 18.22
C ASP A 2 4.86 -6.71 18.81
N HIS A 3 3.82 -7.16 18.09
CA HIS A 3 2.99 -8.27 18.54
C HIS A 3 2.64 -9.16 17.37
N LEU A 4 2.45 -10.45 17.64
CA LEU A 4 1.92 -11.34 16.61
C LEU A 4 0.47 -11.67 16.96
N PRO A 5 -0.51 -11.22 16.16
CA PRO A 5 -1.91 -11.64 16.38
C PRO A 5 -2.10 -13.11 16.02
N ILE A 6 -2.76 -13.84 16.91
CA ILE A 6 -3.17 -15.20 16.59
C ILE A 6 -4.61 -15.35 17.05
N PHE A 7 -5.34 -16.22 16.36
CA PHE A 7 -6.71 -16.56 16.72
C PHE A 7 -6.71 -17.93 17.36
N CYS A 8 -6.92 -17.97 18.67
CA CYS A 8 -6.75 -19.17 19.50
C CYS A 8 -8.06 -19.95 19.62
N GLN A 9 -7.95 -21.28 19.55
CA GLN A 9 -9.08 -22.18 19.78
C GLN A 9 -9.11 -22.54 21.28
N LEU A 10 -10.08 -22.01 22.00
CA LEU A 10 -10.11 -22.17 23.44
C LEU A 10 -11.09 -23.24 23.90
N ARG A 11 -11.78 -23.92 22.98
CA ARG A 11 -12.84 -24.84 23.39
C ARG A 11 -12.26 -26.02 24.17
N ASP A 12 -12.82 -26.24 25.37
CA ASP A 12 -12.44 -27.30 26.29
C ASP A 12 -11.00 -27.17 26.80
N ARG A 13 -10.37 -26.01 26.68
CA ARG A 13 -9.01 -25.83 27.19
C ARG A 13 -9.03 -24.96 28.45
N ASP A 14 -8.20 -25.33 29.41
CA ASP A 14 -8.20 -24.67 30.71
C ASP A 14 -7.66 -23.26 30.62
N CYS A 15 -8.40 -22.32 31.19
CA CYS A 15 -7.96 -20.94 31.30
C CYS A 15 -8.22 -20.45 32.72
N LEU A 16 -7.37 -19.54 33.19
CA LEU A 16 -7.43 -19.03 34.55
C LEU A 16 -7.49 -17.52 34.54
N ILE A 17 -8.48 -16.97 35.25
CA ILE A 17 -8.58 -15.54 35.53
C ILE A 17 -8.38 -15.33 37.03
N VAL A 18 -7.40 -14.49 37.40
CA VAL A 18 -7.21 -14.07 38.79
C VAL A 18 -7.81 -12.69 38.96
N GLY A 19 -8.71 -12.55 39.92
CA GLY A 19 -9.39 -11.29 40.14
C GLY A 19 -10.88 -11.50 39.99
N GLY A 20 -11.72 -10.70 40.65
CA GLY A 20 -13.12 -11.07 40.74
C GLY A 20 -14.12 -9.93 40.64
N GLY A 21 -13.71 -8.80 40.07
CA GLY A 21 -14.56 -7.64 39.95
C GLY A 21 -15.04 -7.40 38.53
N ASP A 22 -15.31 -6.13 38.21
CA ASP A 22 -15.92 -5.80 36.93
C ASP A 22 -14.98 -6.05 35.76
N VAL A 23 -13.70 -5.70 35.90
CA VAL A 23 -12.78 -5.93 34.80
C VAL A 23 -12.58 -7.42 34.57
N ALA A 24 -12.57 -8.20 35.66
CA ALA A 24 -12.45 -9.65 35.51
C ALA A 24 -13.72 -10.24 34.90
N GLU A 25 -14.88 -9.70 35.25
CA GLU A 25 -16.12 -10.22 34.71
C GLU A 25 -16.19 -10.03 33.19
N ARG A 26 -15.74 -8.85 32.71
CA ARG A 26 -15.74 -8.57 31.28
C ARG A 26 -14.81 -9.51 30.52
N LYS A 27 -13.66 -9.87 31.11
CA LYS A 27 -12.76 -10.82 30.47
C LYS A 27 -13.30 -12.23 30.53
N ALA A 28 -14.00 -12.58 31.61
CA ALA A 28 -14.54 -13.93 31.75
C ALA A 28 -15.68 -14.17 30.78
N ARG A 29 -16.51 -13.15 30.53
CA ARG A 29 -17.56 -13.29 29.53
C ARG A 29 -16.97 -13.53 28.15
N LEU A 30 -15.88 -12.84 27.84
CA LEU A 30 -15.20 -13.06 26.57
C LEU A 30 -14.67 -14.49 26.46
N LEU A 31 -14.15 -15.04 27.56
CA LEU A 31 -13.56 -16.39 27.50
C LEU A 31 -14.62 -17.48 27.54
N LEU A 32 -15.73 -17.25 28.25
CA LEU A 32 -16.83 -18.22 28.24
C LEU A 32 -17.36 -18.40 26.83
N GLU A 33 -17.60 -17.29 26.12
CA GLU A 33 -18.16 -17.36 24.76
C GLU A 33 -17.18 -17.89 23.73
N ALA A 34 -15.88 -17.79 23.99
CA ALA A 34 -14.87 -18.52 23.22
C ALA A 34 -14.87 -20.01 23.53
N GLY A 35 -15.58 -20.46 24.56
CA GLY A 35 -15.74 -21.87 24.86
C GLY A 35 -14.74 -22.46 25.83
N ALA A 36 -14.04 -21.63 26.59
CA ALA A 36 -12.96 -22.12 27.43
C ALA A 36 -13.48 -22.81 28.70
N ARG A 37 -12.62 -23.66 29.27
CA ARG A 37 -12.81 -24.26 30.58
C ARG A 37 -12.18 -23.29 31.59
N LEU A 38 -13.03 -22.54 32.28
CA LEU A 38 -12.63 -21.34 32.98
C LEU A 38 -12.61 -21.56 34.49
N THR A 39 -11.51 -21.18 35.12
CA THR A 39 -11.44 -21.09 36.57
C THR A 39 -11.14 -19.64 36.96
N VAL A 40 -11.86 -19.16 37.96
CA VAL A 40 -11.70 -17.79 38.47
C VAL A 40 -11.24 -17.88 39.92
N ASN A 41 -10.17 -17.15 40.24
CA ASN A 41 -9.50 -17.20 41.54
C ASN A 41 -9.40 -15.77 42.08
N ALA A 42 -10.15 -15.47 43.14
CA ALA A 42 -10.17 -14.13 43.70
C ALA A 42 -10.57 -14.17 45.18
N LEU A 43 -10.20 -13.10 45.89
CA LEU A 43 -10.62 -12.98 47.29
C LEU A 43 -12.09 -12.63 47.40
N THR A 44 -12.57 -11.72 46.55
CA THR A 44 -13.95 -11.30 46.54
C THR A 44 -14.50 -11.38 45.12
N PHE A 45 -15.80 -11.63 45.01
CA PHE A 45 -16.50 -11.73 43.73
C PHE A 45 -17.70 -10.79 43.70
N ILE A 46 -18.18 -10.54 42.48
CA ILE A 46 -19.39 -9.76 42.25
C ILE A 46 -20.49 -10.74 41.88
N PRO A 47 -21.78 -10.32 41.81
CA PRO A 47 -22.86 -11.28 41.58
C PRO A 47 -22.67 -12.26 40.44
N GLN A 48 -22.40 -11.80 39.22
CA GLN A 48 -22.49 -12.74 38.09
C GLN A 48 -21.52 -13.90 38.19
N PHE A 49 -20.47 -13.79 38.99
CA PHE A 49 -19.55 -14.93 39.14
C PHE A 49 -20.23 -16.08 39.87
N THR A 50 -20.95 -15.78 40.95
CA THR A 50 -21.52 -16.87 41.75
C THR A 50 -22.73 -17.50 41.09
N VAL A 51 -23.45 -16.79 40.23
CA VAL A 51 -24.48 -17.46 39.44
C VAL A 51 -23.84 -18.36 38.39
N TRP A 52 -22.76 -17.90 37.75
CA TRP A 52 -22.11 -18.69 36.70
C TRP A 52 -21.65 -20.03 37.24
N ALA A 53 -21.15 -20.06 38.47
CA ALA A 53 -20.74 -21.33 39.08
C ALA A 53 -21.94 -22.20 39.44
N ASN A 54 -23.04 -21.59 39.92
CA ASN A 54 -24.27 -22.34 40.13
C ASN A 54 -24.83 -22.87 38.81
N GLU A 55 -24.83 -22.03 37.77
CA GLU A 55 -25.20 -22.38 36.41
C GLU A 55 -24.16 -23.30 35.74
N GLY A 56 -23.09 -23.67 36.44
CA GLY A 56 -22.10 -24.59 35.91
C GLY A 56 -21.22 -24.06 34.79
N MET A 57 -21.22 -22.75 34.54
CA MET A 57 -20.44 -22.20 33.44
C MET A 57 -18.95 -22.16 33.74
N LEU A 58 -18.56 -22.12 35.01
CA LEU A 58 -17.16 -22.02 35.36
C LEU A 58 -16.97 -22.59 36.76
N THR A 59 -15.73 -22.53 37.24
CA THR A 59 -15.37 -22.98 38.57
C THR A 59 -14.77 -21.81 39.33
N LEU A 60 -15.29 -21.55 40.53
CA LEU A 60 -14.77 -20.48 41.37
C LEU A 60 -13.87 -21.05 42.46
N VAL A 61 -12.71 -20.42 42.67
CA VAL A 61 -11.80 -20.74 43.76
C VAL A 61 -11.66 -19.46 44.60
N GLU A 62 -12.33 -19.41 45.76
CA GLU A 62 -12.37 -18.20 46.59
C GLU A 62 -11.15 -18.15 47.49
N GLY A 63 -10.30 -17.15 47.28
CA GLY A 63 -9.15 -16.97 48.14
C GLY A 63 -7.96 -16.40 47.41
N PRO A 64 -6.82 -16.35 48.09
CA PRO A 64 -5.62 -15.76 47.48
C PRO A 64 -5.16 -16.54 46.26
N PHE A 65 -4.33 -15.90 45.45
CA PHE A 65 -3.78 -16.54 44.27
C PHE A 65 -3.17 -17.90 44.62
N ASP A 66 -3.48 -18.90 43.82
CA ASP A 66 -2.91 -20.24 43.92
C ASP A 66 -2.22 -20.53 42.60
N GLU A 67 -0.89 -20.49 42.60
CA GLU A 67 -0.16 -20.66 41.35
C GLU A 67 -0.28 -22.08 40.79
N THR A 68 -0.61 -23.08 41.62
CA THR A 68 -0.84 -24.41 41.08
C THR A 68 -2.08 -24.47 40.17
N LEU A 69 -2.97 -23.47 40.25
CA LEU A 69 -4.10 -23.44 39.32
C LEU A 69 -3.69 -23.18 37.88
N LEU A 70 -2.46 -22.73 37.63
CA LEU A 70 -2.01 -22.58 36.25
C LEU A 70 -1.49 -23.87 35.62
N ASP A 71 -1.34 -24.95 36.41
CA ASP A 71 -0.60 -26.13 35.94
C ASP A 71 -1.14 -26.69 34.62
N SER A 72 -2.44 -26.59 34.38
CA SER A 72 -3.03 -27.12 33.15
C SER A 72 -3.50 -26.05 32.18
N CYS A 73 -3.23 -24.78 32.46
CA CYS A 73 -3.81 -23.69 31.69
C CYS A 73 -3.02 -23.36 30.43
N TRP A 74 -3.76 -22.83 29.43
CA TRP A 74 -3.23 -22.35 28.16
C TRP A 74 -3.13 -20.83 28.09
N LEU A 75 -3.90 -20.13 28.93
CA LEU A 75 -3.98 -18.67 28.95
C LEU A 75 -4.28 -18.22 30.37
N ALA A 76 -3.71 -17.10 30.76
CA ALA A 76 -3.92 -16.55 32.09
C ALA A 76 -4.21 -15.06 31.98
N ILE A 77 -5.09 -14.57 32.83
CA ILE A 77 -5.43 -13.16 32.88
C ILE A 77 -5.34 -12.70 34.33
N ALA A 78 -4.50 -11.71 34.57
CA ALA A 78 -4.34 -11.09 35.86
C ALA A 78 -5.24 -9.86 35.90
N ALA A 79 -6.32 -9.93 36.66
CA ALA A 79 -7.30 -8.85 36.70
C ALA A 79 -7.67 -8.46 38.12
N THR A 80 -6.70 -8.41 39.03
CA THR A 80 -6.94 -7.75 40.31
C THR A 80 -6.60 -6.27 40.21
N ASP A 81 -6.94 -5.51 41.24
CA ASP A 81 -6.48 -4.14 41.36
C ASP A 81 -5.20 -4.03 42.17
N ASP A 82 -4.65 -5.18 42.59
CA ASP A 82 -3.42 -5.24 43.38
C ASP A 82 -2.27 -5.61 42.44
N ASP A 83 -1.38 -4.64 42.20
CA ASP A 83 -0.34 -4.86 41.21
C ASP A 83 0.72 -5.86 41.68
N THR A 84 0.85 -6.09 42.99
CA THR A 84 1.75 -7.13 43.49
C THR A 84 1.23 -8.52 43.16
N VAL A 85 -0.06 -8.77 43.42
CA VAL A 85 -0.66 -10.05 43.04
C VAL A 85 -0.59 -10.25 41.51
N ASN A 86 -1.00 -9.22 40.74
CA ASN A 86 -0.92 -9.32 39.27
C ASN A 86 0.47 -9.74 38.81
N GLN A 87 1.53 -9.20 39.43
CA GLN A 87 2.90 -9.54 39.05
C GLN A 87 3.26 -10.98 39.42
N ARG A 88 2.86 -11.46 40.60
CA ARG A 88 3.02 -12.87 40.92
C ARG A 88 2.36 -13.75 39.86
N VAL A 89 1.13 -13.41 39.47
CA VAL A 89 0.43 -14.24 38.48
C VAL A 89 1.21 -14.27 37.16
N SER A 90 1.72 -13.11 36.70
CA SER A 90 2.43 -13.12 35.42
C SER A 90 3.78 -13.82 35.55
N ASP A 91 4.50 -13.64 36.67
CA ASP A 91 5.74 -14.38 36.86
C ASP A 91 5.49 -15.88 36.88
N ALA A 92 4.42 -16.32 37.56
CA ALA A 92 4.09 -17.74 37.60
C ALA A 92 3.72 -18.27 36.22
N ALA A 93 3.00 -17.48 35.42
CA ALA A 93 2.60 -17.93 34.07
C ALA A 93 3.80 -17.97 33.14
N GLU A 94 4.68 -16.97 33.21
CA GLU A 94 5.85 -16.98 32.34
C GLU A 94 6.70 -18.23 32.56
N SER A 95 6.96 -18.59 33.83
CA SER A 95 7.79 -19.76 34.09
C SER A 95 7.18 -21.06 33.55
N ARG A 96 5.86 -21.11 33.36
CA ARG A 96 5.18 -22.22 32.70
C ARG A 96 4.92 -21.99 31.20
N ARG A 97 5.46 -20.90 30.64
CA ARG A 97 5.25 -20.56 29.22
C ARG A 97 3.76 -20.53 28.85
N ILE A 98 2.96 -19.98 29.75
CA ILE A 98 1.55 -19.69 29.50
C ILE A 98 1.44 -18.23 29.11
N PHE A 99 0.88 -17.94 27.93
CA PHE A 99 0.62 -16.55 27.58
C PHE A 99 -0.29 -15.88 28.62
N CYS A 100 0.06 -14.67 29.04
CA CYS A 100 -0.59 -14.03 30.18
C CYS A 100 -0.86 -12.56 29.89
N ASN A 101 -2.07 -12.12 30.22
CA ASN A 101 -2.47 -10.72 30.12
C ASN A 101 -2.58 -10.12 31.53
N VAL A 102 -1.98 -8.95 31.74
CA VAL A 102 -2.21 -8.14 32.92
C VAL A 102 -3.02 -6.95 32.44
N VAL A 103 -4.30 -6.89 32.84
CA VAL A 103 -5.24 -5.99 32.19
C VAL A 103 -4.80 -4.54 32.34
N ASP A 104 -4.40 -4.13 33.55
CA ASP A 104 -4.03 -2.73 33.68
C ASP A 104 -2.56 -2.46 33.28
N ALA A 105 -1.84 -3.46 32.75
CA ALA A 105 -0.44 -3.29 32.42
C ALA A 105 -0.16 -3.92 31.06
N PRO A 106 -0.60 -3.25 29.98
CA PRO A 106 -0.42 -3.84 28.63
C PRO A 106 1.03 -4.11 28.26
N LYS A 107 1.98 -3.25 28.68
CA LYS A 107 3.39 -3.42 28.38
C LYS A 107 4.04 -4.56 29.17
N ALA A 108 3.42 -5.05 30.23
CA ALA A 108 3.97 -6.18 30.94
C ALA A 108 3.30 -7.45 30.42
N ALA A 109 3.70 -8.60 30.97
CA ALA A 109 3.16 -9.89 30.56
C ALA A 109 3.40 -10.13 29.06
N SER A 110 2.60 -11.00 28.43
CA SER A 110 2.99 -11.64 27.18
C SER A 110 1.92 -11.68 26.11
N PHE A 111 0.70 -11.22 26.40
CA PHE A 111 -0.27 -11.01 25.34
C PHE A 111 -1.22 -9.92 25.78
N ILE A 112 -1.64 -9.10 24.82
CA ILE A 112 -2.71 -8.15 25.08
C ILE A 112 -3.97 -8.63 24.37
N MET A 113 -5.10 -8.10 24.80
CA MET A 113 -6.41 -8.47 24.31
C MET A 113 -6.90 -7.36 23.41
N PRO A 114 -7.14 -7.63 22.13
CA PRO A 114 -7.55 -6.57 21.22
C PRO A 114 -9.04 -6.29 21.37
N SER A 115 -9.44 -5.12 20.92
CA SER A 115 -10.85 -4.85 20.71
C SER A 115 -11.28 -5.51 19.42
N ILE A 116 -12.51 -6.00 19.40
CA ILE A 116 -12.98 -6.94 18.39
C ILE A 116 -14.20 -6.37 17.69
N ILE A 117 -14.15 -6.36 16.36
CA ILE A 117 -15.33 -6.19 15.52
C ILE A 117 -15.82 -7.58 15.09
N ASP A 118 -17.02 -7.95 15.53
CA ASP A 118 -17.53 -9.31 15.41
C ASP A 118 -18.55 -9.43 14.27
N ARG A 119 -18.28 -10.31 13.32
CA ARG A 119 -19.25 -10.61 12.27
C ARG A 119 -19.71 -12.06 12.26
N SER A 120 -19.12 -12.96 13.06
CA SER A 120 -19.63 -14.31 13.25
C SER A 120 -19.91 -15.01 11.93
N PRO A 121 -18.96 -15.78 11.39
CA PRO A 121 -17.65 -16.06 11.98
C PRO A 121 -16.49 -15.16 11.55
N LEU A 122 -16.72 -14.10 10.78
CA LEU A 122 -15.65 -13.16 10.51
C LEU A 122 -15.38 -12.32 11.74
N MET A 123 -14.11 -11.96 11.94
N MET A 123 -14.10 -12.02 11.98
CA MET A 123 -13.68 -11.20 13.11
CA MET A 123 -13.69 -11.21 13.12
C MET A 123 -12.50 -10.33 12.73
C MET A 123 -12.53 -10.31 12.68
N VAL A 124 -12.54 -9.07 13.16
CA VAL A 124 -11.42 -8.14 12.98
C VAL A 124 -10.97 -7.70 14.36
N ALA A 125 -9.67 -7.76 14.60
CA ALA A 125 -9.11 -7.42 15.89
C ALA A 125 -8.19 -6.23 15.73
N VAL A 126 -8.23 -5.29 16.67
CA VAL A 126 -7.45 -4.07 16.53
C VAL A 126 -6.86 -3.68 17.88
N SER A 127 -5.59 -3.28 17.87
CA SER A 127 -4.95 -2.79 19.08
C SER A 127 -3.81 -1.87 18.72
N ALA A 128 -3.61 -0.86 19.57
CA ALA A 128 -2.41 -0.04 19.54
C ALA A 128 -1.39 -0.50 20.58
N GLY A 129 -1.56 -1.71 21.10
CA GLY A 129 -0.68 -2.21 22.14
C GLY A 129 -0.65 -1.35 23.38
N GLY A 130 -1.79 -0.74 23.74
CA GLY A 130 -1.90 0.13 24.90
C GLY A 130 -1.24 1.49 24.77
N THR A 131 -0.38 1.69 23.76
CA THR A 131 0.33 2.97 23.61
C THR A 131 -0.61 4.11 23.28
N SER A 132 -1.78 3.83 22.70
CA SER A 132 -2.78 4.87 22.44
C SER A 132 -4.14 4.21 22.37
N PRO A 133 -4.84 4.10 23.49
CA PRO A 133 -6.19 3.53 23.46
C PRO A 133 -7.16 4.35 22.62
N VAL A 134 -6.93 5.66 22.49
CA VAL A 134 -7.83 6.52 21.72
C VAL A 134 -7.81 6.14 20.24
N LEU A 135 -6.62 5.91 19.68
CA LEU A 135 -6.53 5.55 18.26
C LEU A 135 -7.23 4.22 17.99
N ALA A 136 -7.04 3.23 18.87
CA ALA A 136 -7.75 1.97 18.73
C ALA A 136 -9.25 2.19 18.57
N ARG A 137 -9.82 3.06 19.40
CA ARG A 137 -11.28 3.24 19.40
C ARG A 137 -11.75 3.93 18.13
N LEU A 138 -11.05 4.99 17.71
CA LEU A 138 -11.41 5.65 16.46
C LEU A 138 -11.31 4.69 15.28
N LEU A 139 -10.33 3.78 15.31
CA LEU A 139 -10.21 2.80 14.24
C LEU A 139 -11.30 1.73 14.30
N ARG A 140 -11.65 1.26 15.51
CA ARG A 140 -12.80 0.37 15.62
C ARG A 140 -14.01 0.98 14.92
N GLU A 141 -14.31 2.26 15.22
CA GLU A 141 -15.48 2.93 14.65
C GLU A 141 -15.46 2.94 13.13
N LYS A 142 -14.32 3.26 12.52
CA LYS A 142 -14.28 3.28 11.06
C LYS A 142 -14.47 1.88 10.50
N LEU A 143 -13.79 0.88 11.08
CA LEU A 143 -13.93 -0.49 10.59
C LEU A 143 -15.37 -0.99 10.71
N GLU A 144 -16.06 -0.60 11.79
CA GLU A 144 -17.45 -0.98 11.97
C GLU A 144 -18.31 -0.52 10.80
N SER A 145 -18.36 0.79 10.54
CA SER A 145 -19.19 1.32 9.47
C SER A 145 -18.56 1.06 8.11
N LEU A 146 -17.70 0.06 8.05
CA LEU A 146 -17.03 -0.40 6.84
C LEU A 146 -17.27 -1.87 6.56
N LEU A 147 -17.45 -2.68 7.61
CA LEU A 147 -17.72 -4.11 7.45
C LEU A 147 -19.23 -4.33 7.48
N PRO A 148 -19.87 -4.66 6.36
CA PRO A 148 -21.32 -4.87 6.36
C PRO A 148 -21.75 -5.94 7.36
N GLN A 149 -22.89 -5.69 8.02
CA GLN A 149 -23.32 -6.53 9.13
C GLN A 149 -23.47 -7.98 8.72
N HIS A 150 -23.89 -8.22 7.49
CA HIS A 150 -24.20 -9.56 7.02
C HIS A 150 -23.03 -10.23 6.28
N LEU A 151 -21.82 -9.65 6.40
CA LEU A 151 -20.61 -10.35 5.98
C LEU A 151 -20.48 -11.72 6.64
N GLY A 152 -21.03 -11.86 7.85
CA GLY A 152 -20.89 -13.12 8.56
C GLY A 152 -21.64 -14.27 7.92
N GLN A 153 -22.83 -13.99 7.36
CA GLN A 153 -23.57 -15.04 6.67
C GLN A 153 -22.87 -15.49 5.40
N VAL A 154 -22.18 -14.56 4.71
CA VAL A 154 -21.40 -14.92 3.53
C VAL A 154 -20.21 -15.78 3.94
N ALA A 155 -19.48 -15.37 4.99
CA ALA A 155 -18.37 -16.16 5.54
C ALA A 155 -18.83 -17.53 6.04
N ARG A 156 -19.95 -17.56 6.78
CA ARG A 156 -20.48 -18.83 7.26
C ARG A 156 -20.89 -19.74 6.10
N TYR A 157 -21.45 -19.17 5.03
CA TYR A 157 -21.84 -20.00 3.89
C TYR A 157 -20.61 -20.52 3.15
N ALA A 158 -19.59 -19.68 2.98
CA ALA A 158 -18.32 -20.15 2.38
C ALA A 158 -17.80 -21.40 3.09
N GLY A 159 -17.78 -21.35 4.43
CA GLY A 159 -17.28 -22.49 5.20
C GLY A 159 -18.07 -23.76 4.95
N GLN A 160 -19.37 -23.63 4.68
CA GLN A 160 -20.19 -24.81 4.41
C GLN A 160 -19.92 -25.40 3.02
N LEU A 161 -19.43 -24.58 2.08
CA LEU A 161 -19.16 -24.97 0.70
C LEU A 161 -17.73 -25.47 0.48
N ARG A 162 -16.84 -25.34 1.48
CA ARG A 162 -15.42 -25.55 1.25
C ARG A 162 -15.14 -27.00 0.84
N ALA A 163 -15.82 -27.96 1.46
CA ALA A 163 -15.65 -29.34 1.03
C ALA A 163 -16.22 -29.58 -0.37
N ARG A 164 -17.36 -28.98 -0.70
CA ARG A 164 -17.84 -29.09 -2.08
C ARG A 164 -16.85 -28.44 -3.06
N VAL A 165 -16.23 -27.32 -2.65
CA VAL A 165 -15.29 -26.61 -3.54
C VAL A 165 -14.00 -27.41 -3.73
N LYS A 166 -13.48 -28.03 -2.66
CA LYS A 166 -12.27 -28.83 -2.78
C LYS A 166 -12.49 -30.10 -3.61
N LYS A 167 -13.72 -30.58 -3.74
CA LYS A 167 -13.98 -31.80 -4.52
C LYS A 167 -14.11 -31.49 -6.00
N GLN A 168 -14.95 -30.51 -6.35
CA GLN A 168 -15.24 -30.22 -7.75
C GLN A 168 -14.10 -29.49 -8.45
N PHE A 169 -13.25 -28.78 -7.71
CA PHE A 169 -12.12 -28.07 -8.29
C PHE A 169 -10.83 -28.72 -7.81
N ALA A 170 -10.01 -29.21 -8.76
CA ALA A 170 -8.82 -30.00 -8.45
C ALA A 170 -7.62 -29.13 -8.11
N THR A 171 -7.39 -28.05 -8.86
CA THR A 171 -6.25 -27.18 -8.65
C THR A 171 -6.61 -26.07 -7.67
N MET A 172 -5.59 -25.46 -7.08
CA MET A 172 -5.84 -24.35 -6.17
C MET A 172 -6.12 -23.06 -6.90
N GLY A 173 -5.66 -22.94 -8.16
CA GLY A 173 -5.93 -21.73 -8.92
C GLY A 173 -7.39 -21.61 -9.34
N GLU A 174 -8.04 -22.74 -9.66
CA GLU A 174 -9.45 -22.66 -9.99
C GLU A 174 -10.30 -22.46 -8.73
N ARG A 175 -9.84 -22.98 -7.59
CA ARG A 175 -10.52 -22.71 -6.33
C ARG A 175 -10.48 -21.22 -5.98
N ARG A 176 -9.36 -20.56 -6.25
CA ARG A 176 -9.27 -19.13 -5.99
C ARG A 176 -10.26 -18.34 -6.84
N ARG A 177 -10.36 -18.67 -8.13
CA ARG A 177 -11.24 -17.92 -9.02
C ARG A 177 -12.69 -18.12 -8.61
N PHE A 178 -13.01 -19.28 -8.05
CA PHE A 178 -14.35 -19.47 -7.55
C PHE A 178 -14.63 -18.57 -6.37
N TRP A 179 -13.70 -18.54 -5.39
CA TRP A 179 -13.90 -17.72 -4.20
C TRP A 179 -13.98 -16.24 -4.55
N GLU A 180 -13.09 -15.78 -5.43
CA GLU A 180 -13.08 -14.36 -5.82
C GLU A 180 -14.41 -13.92 -6.42
N LYS A 181 -14.98 -14.73 -7.31
CA LYS A 181 -16.34 -14.45 -7.78
C LYS A 181 -17.35 -14.60 -6.65
N PHE A 182 -17.17 -15.61 -5.79
CA PHE A 182 -18.13 -15.87 -4.72
C PHE A 182 -18.25 -14.68 -3.78
N PHE A 183 -17.13 -14.12 -3.35
CA PHE A 183 -17.19 -13.08 -2.33
C PHE A 183 -17.57 -11.71 -2.86
N VAL A 184 -17.71 -11.54 -4.18
CA VAL A 184 -18.11 -10.25 -4.75
C VAL A 184 -19.49 -10.31 -5.42
N ASN A 185 -20.28 -11.33 -5.14
CA ASN A 185 -21.60 -11.47 -5.75
C ASN A 185 -22.63 -10.87 -4.77
N ASP A 186 -23.12 -9.67 -5.12
CA ASP A 186 -23.98 -8.94 -4.18
C ASP A 186 -25.36 -9.58 -4.07
N ARG A 187 -25.83 -10.26 -5.13
CA ARG A 187 -27.13 -10.95 -5.04
C ARG A 187 -27.06 -12.14 -4.09
N LEU A 188 -25.95 -12.88 -4.12
CA LEU A 188 -25.79 -14.00 -3.19
C LEU A 188 -25.81 -13.52 -1.75
N ALA A 189 -25.09 -12.42 -1.46
CA ALA A 189 -25.08 -11.86 -0.11
C ALA A 189 -26.46 -11.48 0.35
N GLN A 190 -27.24 -10.81 -0.51
CA GLN A 190 -28.59 -10.40 -0.13
C GLN A 190 -29.53 -11.60 -0.05
N SER A 191 -29.31 -12.65 -0.85
CA SER A 191 -30.16 -13.81 -0.74
C SER A 191 -29.90 -14.57 0.55
N LEU A 192 -28.65 -14.58 1.01
CA LEU A 192 -28.31 -15.19 2.30
C LEU A 192 -29.01 -14.46 3.44
N ALA A 193 -28.91 -13.13 3.46
CA ALA A 193 -29.54 -12.27 4.45
C ALA A 193 -31.07 -12.36 4.45
N ASN A 194 -31.68 -13.08 3.52
CA ASN A 194 -33.12 -13.25 3.52
C ASN A 194 -33.54 -14.67 3.85
N ALA A 195 -32.60 -15.58 4.07
CA ALA A 195 -32.89 -17.01 4.20
C ALA A 195 -33.74 -17.50 3.03
N ASP A 196 -33.59 -16.83 1.88
CA ASP A 196 -34.20 -17.22 0.61
C ASP A 196 -33.35 -18.35 0.04
N GLU A 197 -33.77 -19.60 0.26
CA GLU A 197 -32.90 -20.72 -0.04
C GLU A 197 -32.96 -21.10 -1.52
N LYS A 198 -34.08 -20.86 -2.20
CA LYS A 198 -34.12 -21.12 -3.63
C LYS A 198 -33.21 -20.15 -4.39
N ALA A 199 -33.18 -18.88 -3.96
CA ALA A 199 -32.32 -17.90 -4.62
C ALA A 199 -30.84 -18.21 -4.37
N VAL A 200 -30.49 -18.59 -3.14
CA VAL A 200 -29.12 -18.95 -2.82
C VAL A 200 -28.64 -20.11 -3.68
N ASN A 201 -29.52 -21.10 -3.91
CA ASN A 201 -29.15 -22.28 -4.71
C ASN A 201 -29.05 -21.97 -6.19
N ALA A 202 -29.96 -21.17 -6.72
CA ALA A 202 -29.91 -20.80 -8.14
C ALA A 202 -28.58 -20.15 -8.48
N THR A 203 -28.14 -19.22 -7.65
CA THR A 203 -26.87 -18.54 -7.88
C THR A 203 -25.69 -19.46 -7.57
N THR A 204 -25.75 -20.20 -6.47
CA THR A 204 -24.66 -21.13 -6.15
C THR A 204 -24.42 -22.12 -7.29
N GLU A 205 -25.49 -22.71 -7.82
CA GLU A 205 -25.36 -23.69 -8.89
C GLU A 205 -24.81 -23.07 -10.16
N ARG A 206 -25.24 -21.85 -10.49
CA ARG A 206 -24.63 -21.16 -11.63
C ARG A 206 -23.15 -20.88 -11.39
N LEU A 207 -22.76 -20.58 -10.15
CA LEU A 207 -21.36 -20.26 -9.90
C LEU A 207 -20.47 -21.49 -10.05
N PHE A 208 -20.94 -22.65 -9.58
CA PHE A 208 -20.22 -23.91 -9.80
C PHE A 208 -20.14 -24.29 -11.27
N SER A 209 -21.14 -23.92 -12.05
CA SER A 209 -21.20 -24.36 -13.45
C SER A 209 -20.35 -23.53 -14.38
N GLU A 210 -19.78 -22.41 -13.91
CA GLU A 210 -19.10 -21.52 -14.83
C GLU A 210 -17.77 -22.12 -15.26
N PRO A 211 -17.57 -22.37 -16.54
CA PRO A 211 -16.25 -22.78 -17.01
C PRO A 211 -15.22 -21.75 -16.64
N LEU A 212 -14.22 -22.16 -15.87
CA LEU A 212 -13.21 -21.25 -15.37
C LEU A 212 -12.11 -21.08 -16.41
N ASP A 213 -11.75 -19.84 -16.69
CA ASP A 213 -10.58 -19.55 -17.49
C ASP A 213 -9.35 -20.10 -16.78
N HIS A 214 -8.58 -20.93 -17.49
CA HIS A 214 -7.46 -21.60 -16.87
C HIS A 214 -6.11 -20.96 -17.16
N ARG A 215 -6.04 -19.96 -18.03
CA ARG A 215 -4.76 -19.30 -18.27
C ARG A 215 -4.36 -18.47 -17.06
N GLY A 216 -3.05 -18.25 -16.94
CA GLY A 216 -2.52 -17.23 -16.07
C GLY A 216 -2.55 -15.88 -16.77
N GLU A 217 -1.99 -14.89 -16.10
CA GLU A 217 -1.86 -13.56 -16.69
C GLU A 217 -0.56 -12.94 -16.20
N VAL A 218 -0.08 -11.95 -16.96
CA VAL A 218 1.08 -11.13 -16.58
C VAL A 218 0.60 -9.69 -16.43
N VAL A 219 0.86 -9.09 -15.28
CA VAL A 219 0.47 -7.70 -15.01
C VAL A 219 1.75 -6.91 -14.72
N LEU A 220 2.05 -5.92 -15.55
CA LEU A 220 3.09 -4.95 -15.21
C LEU A 220 2.47 -3.94 -14.27
N VAL A 221 3.06 -3.77 -13.09
CA VAL A 221 2.53 -2.86 -12.08
C VAL A 221 3.59 -1.80 -11.78
N GLY A 222 3.20 -0.54 -11.86
CA GLY A 222 4.09 0.53 -11.48
C GLY A 222 4.10 0.76 -9.98
N ALA A 223 5.23 0.49 -9.35
CA ALA A 223 5.33 0.70 -7.90
C ALA A 223 5.37 2.18 -7.53
N GLY A 224 5.73 3.06 -8.45
CA GLY A 224 5.97 4.44 -8.07
C GLY A 224 7.41 4.57 -7.61
N PRO A 225 7.85 5.76 -7.19
CA PRO A 225 9.28 5.97 -6.92
C PRO A 225 9.76 5.55 -5.55
N GLY A 226 8.88 5.15 -4.62
CA GLY A 226 9.37 4.67 -3.34
C GLY A 226 8.37 4.73 -2.20
N ASP A 227 7.78 5.90 -1.98
CA ASP A 227 6.75 6.06 -0.96
C ASP A 227 5.61 5.07 -1.23
N ALA A 228 5.34 4.18 -0.27
CA ALA A 228 4.29 3.18 -0.47
C ALA A 228 2.92 3.80 -0.68
N GLY A 229 2.69 5.01 -0.15
CA GLY A 229 1.42 5.68 -0.37
C GLY A 229 1.14 6.06 -1.82
N LEU A 230 2.18 6.11 -2.67
CA LEU A 230 2.03 6.46 -4.07
C LEU A 230 1.77 5.26 -4.98
N LEU A 231 1.65 4.07 -4.42
CA LEU A 231 1.10 2.95 -5.18
C LEU A 231 -0.37 3.24 -5.51
N THR A 232 -0.81 2.81 -6.69
CA THR A 232 -2.22 3.02 -7.02
C THR A 232 -3.11 2.00 -6.32
N LEU A 233 -4.41 2.32 -6.23
CA LEU A 233 -5.36 1.37 -5.67
C LEU A 233 -5.36 0.07 -6.48
N LYS A 234 -5.32 0.18 -7.83
CA LYS A 234 -5.28 -1.03 -8.64
C LYS A 234 -3.94 -1.75 -8.53
N GLY A 235 -2.83 -1.02 -8.41
CA GLY A 235 -1.56 -1.70 -8.22
C GLY A 235 -1.51 -2.47 -6.92
N LEU A 236 -2.07 -1.89 -5.85
CA LEU A 236 -2.17 -2.60 -4.58
C LEU A 236 -3.06 -3.84 -4.74
N GLN A 237 -4.15 -3.72 -5.48
CA GLN A 237 -5.04 -4.85 -5.66
C GLN A 237 -4.35 -6.00 -6.38
N GLN A 238 -3.46 -5.69 -7.33
CA GLN A 238 -2.81 -6.76 -8.08
C GLN A 238 -1.79 -7.51 -7.23
N ILE A 239 -1.05 -6.80 -6.37
CA ILE A 239 -0.01 -7.48 -5.61
C ILE A 239 -0.59 -8.16 -4.37
N GLN A 240 -1.71 -7.67 -3.87
CA GLN A 240 -2.40 -8.35 -2.78
C GLN A 240 -3.04 -9.67 -3.23
N GLN A 241 -3.12 -9.91 -4.55
CA GLN A 241 -3.73 -11.14 -5.04
C GLN A 241 -2.82 -11.91 -6.00
N ALA A 242 -1.52 -11.61 -6.01
CA ALA A 242 -0.63 -12.26 -6.96
C ALA A 242 -0.22 -13.64 -6.46
N ASP A 243 0.25 -14.47 -7.40
CA ASP A 243 0.89 -15.74 -7.05
C ASP A 243 2.38 -15.61 -6.94
N ILE A 244 2.97 -14.84 -7.85
CA ILE A 244 4.40 -14.59 -7.88
C ILE A 244 4.60 -13.13 -8.22
N VAL A 245 5.50 -12.47 -7.48
CA VAL A 245 5.88 -11.08 -7.74
C VAL A 245 7.35 -11.08 -8.15
N VAL A 246 7.61 -10.62 -9.37
CA VAL A 246 8.96 -10.46 -9.90
C VAL A 246 9.30 -8.97 -9.82
N TYR A 247 10.30 -8.62 -9.02
CA TYR A 247 10.47 -7.24 -8.59
C TYR A 247 11.92 -6.78 -8.73
N ASP A 248 12.09 -5.45 -8.82
CA ASP A 248 13.36 -4.79 -9.01
C ASP A 248 14.00 -4.39 -7.69
N ARG A 249 15.25 -3.94 -7.78
CA ARG A 249 15.92 -3.26 -6.69
C ARG A 249 15.31 -1.88 -6.42
N LEU A 250 14.64 -1.28 -7.40
CA LEU A 250 14.02 0.04 -7.22
C LEU A 250 12.57 -0.03 -6.77
N VAL A 251 12.09 -1.21 -6.37
CA VAL A 251 10.83 -1.31 -5.64
C VAL A 251 11.16 -1.24 -4.15
N SER A 252 10.58 -0.28 -3.46
CA SER A 252 10.97 -0.03 -2.08
C SER A 252 10.47 -1.14 -1.15
N ASP A 253 11.13 -1.26 0.01
CA ASP A 253 10.75 -2.28 0.98
C ASP A 253 9.32 -2.09 1.46
N ASP A 254 8.88 -0.83 1.62
CA ASP A 254 7.52 -0.57 2.10
C ASP A 254 6.49 -1.15 1.14
N ILE A 255 6.76 -1.07 -0.16
CA ILE A 255 5.87 -1.62 -1.15
C ILE A 255 5.91 -3.14 -1.13
N MET A 256 7.11 -3.71 -0.92
CA MET A 256 7.21 -5.16 -0.79
C MET A 256 6.47 -5.68 0.42
N ASN A 257 6.29 -4.87 1.46
CA ASN A 257 5.45 -5.28 2.59
C ASN A 257 3.96 -5.27 2.24
N LEU A 258 3.57 -4.61 1.15
CA LEU A 258 2.19 -4.66 0.68
C LEU A 258 1.89 -5.90 -0.16
N VAL A 259 2.93 -6.66 -0.52
CA VAL A 259 2.74 -7.83 -1.36
C VAL A 259 2.07 -8.93 -0.54
N ARG A 260 1.16 -9.67 -1.19
CA ARG A 260 0.51 -10.80 -0.57
C ARG A 260 1.50 -11.64 0.21
N ARG A 261 1.22 -11.85 1.50
CA ARG A 261 2.24 -12.47 2.35
C ARG A 261 2.54 -13.89 1.90
N ASP A 262 1.60 -14.52 1.20
CA ASP A 262 1.73 -15.91 0.81
C ASP A 262 2.09 -16.08 -0.67
N ALA A 263 2.51 -15.02 -1.33
CA ALA A 263 3.06 -15.10 -2.68
C ALA A 263 4.58 -15.17 -2.59
N ASP A 264 5.20 -15.90 -3.52
CA ASP A 264 6.64 -15.91 -3.50
C ASP A 264 7.20 -14.85 -4.43
N ARG A 265 8.48 -14.53 -4.25
CA ARG A 265 9.07 -13.31 -4.79
C ARG A 265 10.37 -13.66 -5.53
N VAL A 266 10.42 -13.35 -6.83
CA VAL A 266 11.63 -13.50 -7.62
C VAL A 266 12.29 -12.13 -7.74
N PHE A 267 13.56 -12.07 -7.35
CA PHE A 267 14.36 -10.86 -7.41
C PHE A 267 15.16 -10.85 -8.70
N VAL A 268 15.21 -9.69 -9.35
CA VAL A 268 15.98 -9.49 -10.57
C VAL A 268 16.69 -8.14 -10.50
N GLY A 269 17.87 -8.10 -9.92
CA GLY A 269 18.53 -6.85 -9.60
C GLY A 269 19.95 -6.74 -10.11
N LYS A 270 20.33 -5.51 -10.49
CA LYS A 270 21.67 -5.26 -11.01
C LYS A 270 22.71 -5.26 -9.88
N PRO A 278 19.19 -9.38 -16.05
CA PRO A 278 19.20 -9.83 -17.44
C PRO A 278 17.85 -9.63 -18.11
N GLN A 279 17.79 -8.77 -19.13
CA GLN A 279 16.51 -8.35 -19.70
C GLN A 279 15.70 -9.50 -20.28
N GLU A 280 16.36 -10.55 -20.77
CA GLU A 280 15.65 -11.60 -21.49
C GLU A 280 15.36 -12.84 -20.65
N GLU A 281 16.10 -13.07 -19.57
CA GLU A 281 15.67 -14.08 -18.61
C GLU A 281 14.39 -13.65 -17.92
N ILE A 282 14.21 -12.34 -17.74
CA ILE A 282 12.98 -11.82 -17.17
C ILE A 282 11.80 -12.10 -18.10
N ASN A 283 12.00 -11.92 -19.41
CA ASN A 283 10.90 -12.10 -20.34
C ASN A 283 10.35 -13.52 -20.30
N GLN A 284 11.23 -14.51 -20.16
CA GLN A 284 10.79 -15.90 -20.14
C GLN A 284 10.39 -16.38 -18.75
N ILE A 285 10.98 -15.83 -17.69
CA ILE A 285 10.48 -16.11 -16.34
C ILE A 285 9.00 -15.73 -16.25
N LEU A 286 8.64 -14.57 -16.78
CA LEU A 286 7.23 -14.17 -16.80
C LEU A 286 6.41 -15.13 -17.63
N LEU A 287 6.87 -15.45 -18.84
CA LEU A 287 6.11 -16.29 -19.76
C LEU A 287 5.93 -17.70 -19.20
N ARG A 288 7.03 -18.34 -18.77
CA ARG A 288 6.91 -19.72 -18.32
C ARG A 288 6.15 -19.81 -17.00
N GLU A 289 6.31 -18.82 -16.13
CA GLU A 289 5.59 -18.85 -14.86
C GLU A 289 4.12 -18.51 -15.06
N ALA A 290 3.79 -17.72 -16.08
CA ALA A 290 2.39 -17.35 -16.29
C ALA A 290 1.55 -18.53 -16.77
N GLN A 291 1.85 -19.05 -17.97
CA GLN A 291 1.05 -20.13 -18.53
C GLN A 291 1.30 -21.46 -17.83
N LYS A 292 1.89 -21.45 -16.63
CA LYS A 292 1.60 -22.51 -15.68
C LYS A 292 0.22 -22.34 -15.07
N GLY A 293 -0.42 -21.19 -15.29
CA GLY A 293 -1.77 -20.93 -14.82
C GLY A 293 -1.88 -19.87 -13.75
N LYS A 294 -0.77 -19.29 -13.30
CA LYS A 294 -0.79 -18.41 -12.14
C LYS A 294 -0.67 -16.94 -12.53
N ARG A 295 -1.19 -16.09 -11.66
CA ARG A 295 -1.18 -14.65 -11.84
C ARG A 295 0.20 -14.12 -11.42
N VAL A 296 0.95 -13.62 -12.39
CA VAL A 296 2.28 -13.09 -12.11
C VAL A 296 2.22 -11.57 -12.17
N VAL A 297 2.73 -10.92 -11.13
CA VAL A 297 2.92 -9.48 -11.12
C VAL A 297 4.39 -9.18 -11.34
N ARG A 298 4.67 -8.43 -12.41
CA ARG A 298 5.98 -7.81 -12.63
C ARG A 298 5.93 -6.40 -12.06
N LEU A 299 6.44 -6.26 -10.83
CA LEU A 299 6.38 -4.99 -10.11
C LEU A 299 7.66 -4.21 -10.43
N LYS A 300 7.51 -2.99 -10.95
CA LYS A 300 8.63 -2.20 -11.43
C LYS A 300 8.67 -0.86 -10.71
N GLY A 301 9.88 -0.38 -10.45
CA GLY A 301 10.02 0.96 -9.91
C GLY A 301 9.38 1.99 -10.83
N GLY A 302 8.74 2.99 -10.22
CA GLY A 302 8.18 4.09 -11.01
C GLY A 302 7.02 3.67 -11.91
N ASP A 303 7.09 4.03 -13.20
CA ASP A 303 6.12 3.70 -14.23
C ASP A 303 6.69 2.64 -15.18
N PRO A 304 5.91 1.63 -15.57
CA PRO A 304 6.49 0.51 -16.36
C PRO A 304 6.87 0.86 -17.79
N PHE A 305 6.28 1.92 -18.36
CA PHE A 305 6.47 2.24 -19.77
C PHE A 305 7.33 3.48 -19.97
N ILE A 306 8.00 3.96 -18.93
CA ILE A 306 8.92 5.10 -19.05
C ILE A 306 10.31 4.62 -18.64
N PHE A 307 11.16 4.35 -19.63
CA PHE A 307 12.52 3.84 -19.42
C PHE A 307 12.49 2.59 -18.54
N GLY A 308 11.42 1.80 -18.66
CA GLY A 308 11.25 0.62 -17.83
C GLY A 308 11.41 -0.69 -18.57
N ARG A 309 11.61 -0.63 -19.89
CA ARG A 309 11.61 -1.79 -20.78
C ARG A 309 10.38 -2.69 -20.57
N GLY A 310 9.25 -2.10 -20.16
CA GLY A 310 8.01 -2.87 -20.03
C GLY A 310 7.51 -3.41 -21.36
N GLY A 311 7.75 -2.67 -22.44
CA GLY A 311 7.35 -3.17 -23.75
C GLY A 311 8.06 -4.46 -24.13
N GLU A 312 9.35 -4.57 -23.83
CA GLU A 312 10.10 -5.77 -24.17
C GLU A 312 9.58 -6.99 -23.42
N GLU A 313 9.07 -6.78 -22.20
CA GLU A 313 8.56 -7.86 -21.35
C GLU A 313 7.20 -8.36 -21.81
N LEU A 314 6.39 -7.52 -22.46
CA LEU A 314 5.06 -7.90 -22.90
C LEU A 314 5.01 -8.41 -24.32
N GLU A 315 6.00 -8.10 -25.16
CA GLU A 315 5.84 -8.26 -26.60
C GLU A 315 5.80 -9.72 -27.04
N THR A 316 6.36 -10.64 -26.24
CA THR A 316 6.28 -12.05 -26.60
C THR A 316 4.91 -12.63 -26.24
N LEU A 317 4.24 -12.07 -25.22
CA LEU A 317 3.08 -12.72 -24.61
C LEU A 317 1.87 -12.77 -25.53
N CYS A 318 1.67 -11.75 -26.37
CA CYS A 318 0.45 -11.70 -27.19
C CYS A 318 0.42 -12.85 -28.20
N HIS A 319 1.52 -13.05 -28.94
CA HIS A 319 1.53 -14.17 -29.88
C HIS A 319 1.55 -15.51 -29.17
N ALA A 320 1.89 -15.52 -27.87
CA ALA A 320 1.95 -16.74 -27.07
C ALA A 320 0.60 -17.13 -26.45
N GLY A 321 -0.43 -16.30 -26.58
CA GLY A 321 -1.71 -16.61 -25.99
C GLY A 321 -1.83 -16.32 -24.50
N ILE A 322 -1.02 -15.42 -23.97
CA ILE A 322 -1.03 -15.09 -22.54
C ILE A 322 -1.71 -13.75 -22.38
N PRO A 323 -2.81 -13.65 -21.63
CA PRO A 323 -3.38 -12.35 -21.29
C PRO A 323 -2.42 -11.52 -20.45
N PHE A 324 -2.54 -10.21 -20.59
CA PHE A 324 -1.68 -9.30 -19.85
C PHE A 324 -2.38 -7.96 -19.75
N SER A 325 -1.97 -7.19 -18.74
CA SER A 325 -2.43 -5.83 -18.57
C SER A 325 -1.29 -5.01 -17.98
N VAL A 326 -1.49 -3.70 -17.88
CA VAL A 326 -0.48 -2.75 -17.39
C VAL A 326 -1.13 -1.80 -16.42
N VAL A 327 -0.59 -1.68 -15.21
CA VAL A 327 -1.04 -0.66 -14.28
C VAL A 327 0.04 0.42 -14.23
N PRO A 328 -0.26 1.64 -14.66
CA PRO A 328 0.78 2.69 -14.61
C PRO A 328 1.09 3.07 -13.18
N GLY A 329 2.31 3.60 -12.99
CA GLY A 329 2.76 4.05 -11.71
C GLY A 329 3.18 5.51 -11.83
N ILE A 330 3.48 6.10 -10.67
CA ILE A 330 4.01 7.46 -10.56
C ILE A 330 5.46 7.42 -11.00
N THR A 331 5.75 8.00 -12.17
CA THR A 331 7.13 8.00 -12.62
C THR A 331 7.96 8.90 -11.73
N ALA A 332 9.28 8.62 -11.71
CA ALA A 332 10.19 9.34 -10.82
C ALA A 332 10.10 10.85 -11.03
N ALA A 333 9.86 11.30 -12.26
CA ALA A 333 9.76 12.74 -12.52
C ALA A 333 8.62 13.38 -11.74
N SER A 334 7.45 12.73 -11.69
CA SER A 334 6.30 13.26 -10.96
C SER A 334 6.52 13.21 -9.46
N GLY A 335 6.91 12.05 -8.94
CA GLY A 335 7.16 11.93 -7.51
C GLY A 335 8.19 12.94 -7.02
N CYS A 336 9.32 13.02 -7.71
CA CYS A 336 10.39 13.92 -7.28
C CYS A 336 10.00 15.39 -7.42
N SER A 337 9.22 15.71 -8.44
CA SER A 337 8.69 17.07 -8.60
C SER A 337 7.84 17.47 -7.40
N ALA A 338 6.81 16.67 -7.09
CA ALA A 338 5.91 16.98 -5.99
C ALA A 338 6.62 17.01 -4.64
N TYR A 339 7.48 16.02 -4.40
CA TYR A 339 8.13 15.90 -3.10
C TYR A 339 9.32 16.83 -2.92
N SER A 340 9.79 17.50 -3.97
CA SER A 340 10.87 18.48 -3.79
C SER A 340 10.38 19.90 -3.93
N GLY A 341 9.09 20.12 -4.18
CA GLY A 341 8.59 21.45 -4.38
C GLY A 341 9.04 22.07 -5.68
N ILE A 342 9.32 21.26 -6.70
CA ILE A 342 9.74 21.73 -8.01
C ILE A 342 8.71 21.26 -9.03
N PRO A 343 7.69 22.06 -9.34
CA PRO A 343 6.71 21.64 -10.36
C PRO A 343 7.36 21.50 -11.74
N LEU A 344 6.93 20.48 -12.47
CA LEU A 344 7.55 20.23 -13.77
C LEU A 344 7.18 21.31 -14.76
N THR A 345 5.94 21.79 -14.70
CA THR A 345 5.52 22.96 -15.43
C THR A 345 5.00 23.97 -14.41
N HIS A 346 5.01 25.24 -14.80
CA HIS A 346 4.48 26.30 -13.97
C HIS A 346 4.24 27.52 -14.85
N ARG A 347 3.08 28.16 -14.65
CA ARG A 347 2.64 29.29 -15.46
C ARG A 347 3.22 29.15 -16.86
N ASP A 348 4.19 30.00 -17.20
CA ASP A 348 5.04 29.80 -18.38
C ASP A 348 6.50 29.92 -17.95
N TYR A 349 6.96 28.95 -17.19
CA TYR A 349 8.39 28.67 -17.16
C TYR A 349 8.73 27.62 -18.22
N ALA A 350 7.83 26.67 -18.44
CA ALA A 350 8.09 25.50 -19.29
C ALA A 350 6.93 25.30 -20.24
N GLN A 351 7.23 25.32 -21.55
CA GLN A 351 6.31 24.87 -22.58
C GLN A 351 6.28 23.35 -22.68
N SER A 352 7.39 22.68 -22.37
CA SER A 352 7.43 21.23 -22.45
C SER A 352 8.30 20.67 -21.35
N VAL A 353 7.99 19.42 -20.96
CA VAL A 353 8.81 18.61 -20.08
C VAL A 353 9.50 17.55 -20.93
N ARG A 354 10.79 17.34 -20.70
CA ARG A 354 11.54 16.32 -21.43
C ARG A 354 12.13 15.33 -20.43
N LEU A 355 11.74 14.09 -20.57
CA LEU A 355 12.30 13.00 -19.78
C LEU A 355 13.35 12.32 -20.64
N VAL A 356 14.61 12.45 -20.25
CA VAL A 356 15.74 12.01 -21.07
C VAL A 356 16.49 10.88 -20.37
N THR A 357 16.98 9.92 -21.15
CA THR A 357 17.91 8.93 -20.61
C THR A 357 19.32 9.51 -20.67
N GLY A 358 19.91 9.79 -19.50
CA GLY A 358 21.30 10.20 -19.41
C GLY A 358 22.29 9.06 -19.57
N HIS A 359 21.80 7.83 -19.73
CA HIS A 359 22.65 6.70 -20.04
C HIS A 359 23.21 6.85 -21.44
N LEU A 360 24.41 6.35 -21.66
CA LEU A 360 25.02 6.38 -22.98
C LEU A 360 25.05 4.94 -23.51
N LYS A 361 23.99 4.56 -24.23
CA LYS A 361 24.05 3.39 -25.08
C LYS A 361 25.35 3.40 -25.86
N THR A 362 26.04 2.27 -25.85
CA THR A 362 27.43 2.22 -26.31
C THR A 362 27.61 2.64 -27.76
N GLY A 363 26.53 3.08 -28.42
CA GLY A 363 26.62 3.55 -29.79
C GLY A 363 26.06 4.94 -30.01
N GLY A 364 25.06 5.33 -29.22
CA GLY A 364 24.39 6.59 -29.45
C GLY A 364 24.96 7.76 -28.64
N GLU A 365 24.48 8.95 -28.98
CA GLU A 365 24.75 10.16 -28.21
C GLU A 365 23.53 11.06 -28.30
N LEU A 366 23.25 11.79 -27.21
CA LEU A 366 22.11 12.68 -27.20
C LEU A 366 22.29 13.81 -28.22
N ASP A 367 21.16 14.45 -28.57
CA ASP A 367 21.09 15.58 -29.49
C ASP A 367 21.09 16.88 -28.67
N TRP A 368 22.29 17.39 -28.40
CA TRP A 368 22.44 18.42 -27.36
C TRP A 368 21.86 19.78 -27.78
N GLU A 369 21.91 20.14 -29.07
CA GLU A 369 21.29 21.40 -29.49
C GLU A 369 19.79 21.37 -29.21
N ASN A 370 19.17 20.20 -29.39
CA ASN A 370 17.76 20.04 -29.11
C ASN A 370 17.46 20.23 -27.62
N LEU A 371 18.28 19.64 -26.75
CA LEU A 371 17.98 19.69 -25.33
C LEU A 371 18.24 21.07 -24.72
N ALA A 372 19.09 21.89 -25.35
CA ALA A 372 19.49 23.16 -24.75
C ALA A 372 18.48 24.28 -24.96
N ALA A 373 17.38 24.03 -25.67
CA ALA A 373 16.42 25.08 -26.00
C ALA A 373 15.75 25.66 -24.76
N GLU A 374 15.29 26.91 -24.87
CA GLU A 374 14.65 27.61 -23.77
C GLU A 374 13.25 27.06 -23.47
N LYS A 375 12.72 27.46 -22.31
CA LYS A 375 11.32 27.24 -21.94
C LYS A 375 10.95 25.75 -21.92
N GLN A 376 11.81 24.94 -21.29
CA GLN A 376 11.49 23.54 -21.06
C GLN A 376 12.11 23.10 -19.74
N THR A 377 11.52 22.07 -19.15
CA THR A 377 12.07 21.41 -17.96
C THR A 377 12.71 20.10 -18.39
N LEU A 378 14.01 19.95 -18.16
CA LEU A 378 14.74 18.73 -18.49
C LEU A 378 14.84 17.85 -17.27
N VAL A 379 14.56 16.56 -17.43
CA VAL A 379 14.65 15.59 -16.34
C VAL A 379 15.46 14.40 -16.86
N PHE A 380 16.68 14.27 -16.37
CA PHE A 380 17.54 13.17 -16.78
C PHE A 380 17.33 11.98 -15.85
N TYR A 381 17.00 10.84 -16.42
CA TYR A 381 16.98 9.56 -15.72
C TYR A 381 18.32 8.86 -15.93
N MET A 382 18.84 8.23 -14.87
CA MET A 382 20.11 7.50 -14.89
C MET A 382 21.22 8.32 -15.57
N GLY A 383 21.38 9.58 -15.12
CA GLY A 383 22.29 10.53 -15.72
C GLY A 383 23.43 10.97 -14.81
N LEU A 384 23.39 10.47 -13.57
CA LEU A 384 24.37 10.80 -12.54
C LEU A 384 25.80 10.71 -13.04
N ASN A 385 26.22 9.53 -13.47
CA ASN A 385 27.62 9.33 -13.83
C ASN A 385 28.02 10.00 -15.12
N GLN A 386 27.12 10.77 -15.75
CA GLN A 386 27.48 11.62 -16.89
C GLN A 386 27.12 13.07 -16.63
N ALA A 387 26.91 13.44 -15.36
CA ALA A 387 26.47 14.80 -15.05
C ALA A 387 27.46 15.84 -15.51
N ALA A 388 28.77 15.54 -15.44
CA ALA A 388 29.73 16.54 -15.89
C ALA A 388 29.66 16.71 -17.40
N THR A 389 29.35 15.65 -18.14
CA THR A 389 29.20 15.75 -19.59
C THR A 389 27.95 16.55 -19.96
N ILE A 390 26.84 16.33 -19.24
CA ILE A 390 25.62 17.09 -19.45
C ILE A 390 25.86 18.59 -19.21
N GLN A 391 26.63 18.93 -18.17
CA GLN A 391 26.96 20.33 -17.91
C GLN A 391 27.68 20.95 -19.11
N GLU A 392 28.79 20.34 -19.53
CA GLU A 392 29.58 20.89 -20.63
C GLU A 392 28.76 21.00 -21.91
N LYS A 393 27.92 19.99 -22.19
CA LYS A 393 27.24 19.95 -23.48
C LYS A 393 26.10 20.97 -23.54
N LEU A 394 25.30 21.06 -22.47
CA LEU A 394 24.23 22.06 -22.44
C LEU A 394 24.80 23.47 -22.54
N ILE A 395 25.86 23.73 -21.77
CA ILE A 395 26.50 25.05 -21.83
C ILE A 395 26.96 25.36 -23.24
N ALA A 396 27.59 24.39 -23.91
CA ALA A 396 28.20 24.65 -25.21
C ALA A 396 27.16 24.82 -26.32
N PHE A 397 25.93 24.39 -26.07
CA PHE A 397 24.84 24.54 -27.03
C PHE A 397 23.85 25.62 -26.62
N GLY A 398 24.21 26.46 -25.66
CA GLY A 398 23.54 27.74 -25.47
C GLY A 398 22.78 27.92 -24.18
N MET A 399 22.61 26.87 -23.36
CA MET A 399 21.94 27.07 -22.09
C MET A 399 22.77 27.99 -21.20
N GLN A 400 22.13 29.02 -20.65
CA GLN A 400 22.81 29.98 -19.81
C GLN A 400 23.39 29.30 -18.57
N ALA A 401 24.51 29.85 -18.10
CA ALA A 401 25.27 29.24 -17.00
C ALA A 401 24.54 29.33 -15.66
N ASP A 402 23.63 30.29 -15.51
CA ASP A 402 22.89 30.47 -14.27
C ASP A 402 21.56 29.71 -14.26
N MET A 403 21.35 28.77 -15.18
CA MET A 403 20.15 27.94 -15.16
C MET A 403 20.15 27.12 -13.87
N PRO A 404 19.14 27.23 -13.04
CA PRO A 404 19.11 26.42 -11.81
C PRO A 404 18.90 24.94 -12.12
N VAL A 405 19.58 24.10 -11.34
CA VAL A 405 19.44 22.66 -11.42
C VAL A 405 19.23 22.13 -10.01
N ALA A 406 18.73 20.89 -9.93
CA ALA A 406 18.50 20.16 -8.70
C ALA A 406 18.73 18.69 -8.97
N LEU A 407 19.32 17.99 -8.01
CA LEU A 407 19.39 16.53 -8.05
C LEU A 407 18.61 15.99 -6.88
N VAL A 408 17.70 15.07 -7.15
CA VAL A 408 16.83 14.48 -6.15
C VAL A 408 17.20 13.01 -6.03
N GLU A 409 17.65 12.63 -4.85
CA GLU A 409 18.11 11.28 -4.54
C GLU A 409 17.10 10.60 -3.61
N ASN A 410 16.78 9.34 -3.91
CA ASN A 410 15.69 8.61 -3.26
C ASN A 410 14.43 9.47 -3.09
N GLY A 411 13.99 10.07 -4.19
CA GLY A 411 12.79 10.90 -4.15
C GLY A 411 11.59 10.11 -3.62
N THR A 412 10.81 10.79 -2.76
CA THR A 412 9.59 10.37 -2.07
C THR A 412 9.88 9.44 -0.88
N SER A 413 11.11 8.96 -0.72
CA SER A 413 11.36 8.15 0.47
C SER A 413 11.69 9.05 1.66
N VAL A 414 11.71 8.44 2.85
CA VAL A 414 12.12 9.16 4.04
C VAL A 414 13.62 9.47 4.04
N LYS A 415 14.39 8.86 3.13
CA LYS A 415 15.80 9.15 2.95
C LYS A 415 16.07 10.16 1.83
N GLN A 416 15.02 10.83 1.33
CA GLN A 416 15.20 11.76 0.22
C GLN A 416 16.23 12.83 0.56
N ARG A 417 17.12 13.11 -0.38
CA ARG A 417 18.04 14.23 -0.31
C ARG A 417 17.91 15.01 -1.61
N VAL A 418 17.99 16.34 -1.51
CA VAL A 418 17.98 17.19 -2.70
C VAL A 418 19.13 18.21 -2.58
N VAL A 419 19.92 18.30 -3.64
CA VAL A 419 20.99 19.29 -3.75
C VAL A 419 20.71 20.11 -5.00
N HIS A 420 21.02 21.39 -4.94
CA HIS A 420 20.61 22.30 -6.00
C HIS A 420 21.65 23.39 -6.17
N GLY A 421 21.60 24.02 -7.34
CA GLY A 421 22.48 25.13 -7.67
C GLY A 421 22.21 25.63 -9.07
N VAL A 422 23.25 26.17 -9.71
CA VAL A 422 23.16 26.57 -11.12
C VAL A 422 23.94 25.59 -11.98
N LEU A 423 23.76 25.71 -13.30
CA LEU A 423 24.24 24.71 -14.24
C LEU A 423 25.76 24.53 -14.19
N THR A 424 26.52 25.60 -13.90
CA THR A 424 27.96 25.40 -13.78
C THR A 424 28.33 24.59 -12.53
N GLN A 425 27.41 24.34 -11.62
CA GLN A 425 27.71 23.47 -10.48
C GLN A 425 27.33 22.01 -10.71
N LEU A 426 26.57 21.70 -11.78
CA LEU A 426 25.95 20.38 -11.94
C LEU A 426 26.95 19.24 -11.78
N GLY A 427 28.09 19.32 -12.48
CA GLY A 427 29.11 18.28 -12.33
C GLY A 427 29.55 18.08 -10.89
N GLU A 428 29.81 19.18 -10.17
CA GLU A 428 30.18 19.06 -8.76
C GLU A 428 29.05 18.46 -7.95
N LEU A 429 27.84 19.02 -8.08
CA LEU A 429 26.71 18.60 -7.27
C LEU A 429 26.43 17.12 -7.38
N ALA A 430 26.73 16.49 -8.52
CA ALA A 430 26.43 15.08 -8.68
C ALA A 430 27.36 14.19 -7.87
N GLN A 431 28.54 14.69 -7.50
CA GLN A 431 29.46 13.96 -6.64
C GLN A 431 28.88 13.73 -5.24
N GLN A 432 27.88 14.50 -4.86
CA GLN A 432 27.33 14.53 -3.51
C GLN A 432 26.08 13.67 -3.35
N VAL A 433 25.66 12.96 -4.39
CA VAL A 433 24.54 12.04 -4.27
C VAL A 433 24.90 10.73 -4.96
N GLU A 434 24.20 9.68 -4.57
N GLU A 434 24.18 9.69 -4.60
CA GLU A 434 24.32 8.36 -5.17
CA GLU A 434 24.32 8.38 -5.21
C GLU A 434 23.02 8.03 -5.90
C GLU A 434 23.00 8.01 -5.88
N SER A 435 23.05 6.93 -6.64
CA SER A 435 21.83 6.51 -7.29
C SER A 435 20.93 5.79 -6.28
N PRO A 436 19.61 5.80 -6.49
CA PRO A 436 18.92 6.43 -7.62
C PRO A 436 18.66 7.91 -7.43
N ALA A 437 18.97 8.70 -8.45
CA ALA A 437 18.82 10.15 -8.40
C ALA A 437 18.41 10.68 -9.76
N LEU A 438 17.60 11.74 -9.74
CA LEU A 438 17.16 12.44 -10.94
C LEU A 438 17.87 13.78 -11.03
N ILE A 439 18.08 14.27 -12.26
CA ILE A 439 18.55 15.63 -12.49
C ILE A 439 17.43 16.43 -13.14
N ILE A 440 17.11 17.57 -12.55
CA ILE A 440 16.13 18.52 -13.09
C ILE A 440 16.87 19.80 -13.47
N VAL A 441 16.72 20.21 -14.72
CA VAL A 441 17.33 21.44 -15.25
C VAL A 441 16.20 22.31 -15.78
N GLY A 442 16.13 23.54 -15.29
CA GLY A 442 15.11 24.46 -15.75
C GLY A 442 14.82 25.53 -14.74
N ARG A 443 14.16 26.59 -15.22
CA ARG A 443 13.77 27.70 -14.34
C ARG A 443 12.86 27.25 -13.21
N VAL A 444 12.09 26.18 -13.38
CA VAL A 444 11.16 25.75 -12.32
C VAL A 444 11.88 25.39 -11.02
N VAL A 445 13.19 25.09 -11.09
CA VAL A 445 13.93 24.68 -9.90
C VAL A 445 13.95 25.80 -8.86
N ALA A 446 13.90 27.06 -9.30
CA ALA A 446 13.89 28.19 -8.37
C ALA A 446 12.63 28.25 -7.51
N LEU A 447 11.53 27.64 -7.97
CA LEU A 447 10.31 27.60 -7.19
C LEU A 447 10.42 26.77 -5.92
N ARG A 448 11.54 26.07 -5.72
CA ARG A 448 11.65 25.13 -4.62
C ARG A 448 11.49 25.82 -3.27
N ASP A 449 12.05 27.02 -3.11
CA ASP A 449 11.93 27.68 -1.82
C ASP A 449 10.50 28.16 -1.53
N LYS A 450 9.65 28.25 -2.55
CA LYS A 450 8.26 28.67 -2.31
C LYS A 450 7.30 27.49 -2.18
N LEU A 451 7.66 26.29 -2.66
CA LEU A 451 6.73 25.17 -2.74
C LEU A 451 7.20 23.90 -2.05
N ASN A 452 8.29 23.95 -1.26
CA ASN A 452 8.85 22.74 -0.64
C ASN A 452 8.14 22.45 0.68
N TRP A 453 7.42 21.33 0.72
CA TRP A 453 6.64 20.93 1.88
C TRP A 453 7.15 19.65 2.54
N PHE A 454 7.86 18.78 1.83
CA PHE A 454 8.13 17.43 2.32
C PHE A 454 9.12 17.45 3.49
N SER A 455 10.31 18.02 3.26
CA SER A 455 11.34 18.19 4.28
C SER A 455 12.56 18.84 3.63
N ASN A 456 13.64 18.95 4.38
CA ASN A 456 14.96 19.15 3.80
C ASN A 456 15.74 17.86 3.68
N HIS A 457 15.71 17.06 4.73
CA HIS A 457 16.21 15.67 4.76
C HIS A 457 15.89 15.09 6.15
N MET B 1 -18.54 -16.77 17.87
CA MET B 1 -17.10 -16.74 18.09
C MET B 1 -16.56 -18.07 18.59
N ASP B 2 -15.71 -18.71 17.78
CA ASP B 2 -15.02 -19.92 18.20
C ASP B 2 -13.51 -19.77 18.08
N HIS B 3 -13.01 -18.55 17.97
CA HIS B 3 -11.59 -18.29 18.21
C HIS B 3 -11.49 -16.96 18.94
N LEU B 4 -10.58 -16.91 19.89
CA LEU B 4 -10.28 -15.68 20.62
C LEU B 4 -9.02 -15.06 20.04
N PRO B 5 -9.11 -13.88 19.44
CA PRO B 5 -7.90 -13.22 18.96
C PRO B 5 -7.12 -12.67 20.14
N ILE B 6 -5.81 -12.94 20.16
CA ILE B 6 -4.90 -12.34 21.12
C ILE B 6 -3.67 -11.85 20.36
N PHE B 7 -3.00 -10.86 20.93
CA PHE B 7 -1.83 -10.26 20.30
C PHE B 7 -0.62 -10.66 21.17
N CYS B 8 0.13 -11.64 20.72
CA CYS B 8 1.21 -12.24 21.48
C CYS B 8 2.49 -11.41 21.40
N GLN B 9 3.11 -11.17 22.55
CA GLN B 9 4.47 -10.63 22.60
C GLN B 9 5.46 -11.78 22.44
N LEU B 10 6.14 -11.84 21.29
CA LEU B 10 7.06 -12.94 21.00
C LEU B 10 8.52 -12.57 21.08
N ARG B 11 8.84 -11.31 21.33
CA ARG B 11 10.24 -10.88 21.24
C ARG B 11 11.09 -11.71 22.19
N ASP B 12 12.10 -12.37 21.63
CA ASP B 12 13.00 -13.26 22.35
C ASP B 12 12.30 -14.44 23.04
N ARG B 13 11.12 -14.85 22.59
CA ARG B 13 10.48 -16.07 23.09
C ARG B 13 10.72 -17.21 22.12
N ASP B 14 11.02 -18.39 22.67
CA ASP B 14 11.30 -19.59 21.90
C ASP B 14 10.07 -20.01 21.09
N CYS B 15 10.25 -20.11 19.78
CA CYS B 15 9.21 -20.63 18.90
C CYS B 15 9.84 -21.66 17.97
N LEU B 16 9.01 -22.58 17.49
CA LEU B 16 9.48 -23.65 16.62
C LEU B 16 8.63 -23.72 15.37
N ILE B 17 9.30 -23.80 14.23
CA ILE B 17 8.67 -24.15 12.96
C ILE B 17 9.22 -25.50 12.52
N VAL B 18 8.32 -26.39 12.12
CA VAL B 18 8.70 -27.69 11.60
C VAL B 18 8.48 -27.65 10.09
N GLY B 19 9.57 -27.74 9.33
CA GLY B 19 9.50 -27.63 7.89
C GLY B 19 10.55 -26.64 7.42
N GLY B 20 10.98 -26.80 6.18
CA GLY B 20 12.02 -25.95 5.63
C GLY B 20 11.83 -25.61 4.16
N GLY B 21 10.58 -25.68 3.69
CA GLY B 21 10.25 -25.34 2.33
C GLY B 21 9.77 -23.90 2.19
N ASP B 22 9.10 -23.62 1.08
CA ASP B 22 8.60 -22.28 0.84
C ASP B 22 7.56 -21.88 1.87
N VAL B 23 6.74 -22.82 2.32
CA VAL B 23 5.67 -22.47 3.24
C VAL B 23 6.23 -22.13 4.61
N ALA B 24 7.19 -22.92 5.07
CA ALA B 24 7.84 -22.64 6.33
C ALA B 24 8.60 -21.31 6.27
N GLU B 25 9.24 -21.02 5.14
CA GLU B 25 10.00 -19.78 5.01
C GLU B 25 9.12 -18.56 5.20
N ARG B 26 7.88 -18.61 4.69
CA ARG B 26 6.97 -17.48 4.86
C ARG B 26 6.55 -17.31 6.32
N LYS B 27 6.33 -18.41 7.02
CA LYS B 27 5.96 -18.31 8.42
C LYS B 27 7.15 -17.87 9.25
N ALA B 28 8.36 -18.31 8.89
CA ALA B 28 9.56 -17.87 9.61
C ALA B 28 9.79 -16.38 9.40
N ARG B 29 9.47 -15.84 8.22
CA ARG B 29 9.66 -14.40 8.04
C ARG B 29 8.64 -13.61 8.87
N LEU B 30 7.44 -14.14 9.07
CA LEU B 30 6.47 -13.50 9.96
C LEU B 30 6.98 -13.49 11.41
N LEU B 31 7.42 -14.67 11.89
CA LEU B 31 7.87 -14.79 13.28
C LEU B 31 9.16 -14.03 13.55
N LEU B 32 10.05 -13.97 12.56
CA LEU B 32 11.22 -13.09 12.67
C LEU B 32 10.79 -11.62 12.79
N GLU B 33 9.83 -11.21 11.96
CA GLU B 33 9.30 -9.85 12.05
C GLU B 33 8.80 -9.54 13.45
N ALA B 34 8.26 -10.54 14.17
CA ALA B 34 7.77 -10.31 15.52
C ALA B 34 8.86 -10.42 16.57
N GLY B 35 10.10 -10.67 16.16
CA GLY B 35 11.22 -10.79 17.09
C GLY B 35 11.32 -12.10 17.86
N ALA B 36 10.68 -13.16 17.38
CA ALA B 36 10.77 -14.45 18.08
C ALA B 36 12.19 -15.02 18.03
N ARG B 37 12.57 -15.71 19.10
CA ARG B 37 13.76 -16.56 19.06
C ARG B 37 13.38 -17.87 18.37
N LEU B 38 13.82 -18.04 17.13
CA LEU B 38 13.22 -19.03 16.25
C LEU B 38 14.15 -20.22 16.06
N THR B 39 13.64 -21.41 16.35
CA THR B 39 14.25 -22.65 15.88
C THR B 39 13.40 -23.17 14.74
N VAL B 40 14.05 -23.69 13.70
CA VAL B 40 13.39 -24.27 12.53
C VAL B 40 13.96 -25.68 12.34
N ASN B 41 13.09 -26.68 12.34
CA ASN B 41 13.47 -28.08 12.26
C ASN B 41 12.89 -28.69 10.99
N ALA B 42 13.75 -29.25 10.14
CA ALA B 42 13.32 -29.81 8.87
C ALA B 42 14.31 -30.85 8.39
N LEU B 43 13.86 -31.70 7.46
CA LEU B 43 14.77 -32.67 6.86
C LEU B 43 15.78 -32.00 5.94
N THR B 44 15.39 -30.90 5.30
CA THR B 44 16.25 -30.09 4.44
C THR B 44 15.68 -28.67 4.44
N PHE B 45 16.53 -27.70 4.07
CA PHE B 45 16.18 -26.29 4.05
C PHE B 45 16.50 -25.66 2.70
N ILE B 46 15.60 -24.82 2.21
CA ILE B 46 15.85 -24.01 1.02
C ILE B 46 16.87 -22.93 1.39
N PRO B 47 17.64 -22.42 0.43
CA PRO B 47 18.72 -21.48 0.76
C PRO B 47 18.34 -20.28 1.63
N GLN B 48 17.11 -19.76 1.55
CA GLN B 48 16.78 -18.62 2.41
C GLN B 48 16.95 -18.95 3.89
N PHE B 49 16.92 -20.23 4.27
CA PHE B 49 17.09 -20.56 5.69
C PHE B 49 18.56 -20.55 6.10
N THR B 50 19.47 -21.03 5.25
CA THR B 50 20.88 -21.01 5.64
C THR B 50 21.46 -19.60 5.61
N VAL B 51 20.92 -18.71 4.78
CA VAL B 51 21.37 -17.32 4.88
C VAL B 51 20.88 -16.69 6.16
N TRP B 52 19.63 -16.96 6.55
CA TRP B 52 19.12 -16.50 7.85
C TRP B 52 19.96 -17.05 8.99
N ALA B 53 20.34 -18.33 8.93
CA ALA B 53 21.16 -18.91 9.98
C ALA B 53 22.56 -18.27 10.03
N ASN B 54 23.20 -18.09 8.87
CA ASN B 54 24.55 -17.54 8.84
C ASN B 54 24.60 -16.10 9.34
N GLU B 55 23.45 -15.47 9.56
CA GLU B 55 23.36 -14.12 10.10
C GLU B 55 22.90 -14.12 11.56
N GLY B 56 22.86 -15.28 12.20
CA GLY B 56 22.48 -15.36 13.60
C GLY B 56 21.04 -15.04 13.89
N MET B 57 20.18 -15.08 12.88
CA MET B 57 18.79 -14.66 13.06
C MET B 57 17.86 -15.80 13.47
N LEU B 58 18.25 -17.06 13.30
CA LEU B 58 17.51 -18.20 13.81
C LEU B 58 18.46 -19.38 13.96
N THR B 59 17.92 -20.51 14.41
CA THR B 59 18.69 -21.74 14.60
C THR B 59 18.08 -22.84 13.76
N LEU B 60 18.93 -23.64 13.12
CA LEU B 60 18.49 -24.73 12.25
C LEU B 60 18.81 -26.06 12.90
N VAL B 61 17.79 -26.91 13.04
CA VAL B 61 17.98 -28.29 13.43
C VAL B 61 17.64 -29.13 12.20
N GLU B 62 18.67 -29.62 11.53
CA GLU B 62 18.55 -30.46 10.34
C GLU B 62 18.37 -31.90 10.78
N GLY B 63 17.26 -32.52 10.37
CA GLY B 63 16.96 -33.87 10.79
C GLY B 63 15.46 -34.04 10.98
N PRO B 64 15.02 -35.24 11.36
CA PRO B 64 13.59 -35.48 11.58
C PRO B 64 13.06 -34.70 12.78
N PHE B 65 11.72 -34.66 12.88
CA PHE B 65 11.07 -33.92 13.95
C PHE B 65 11.41 -34.53 15.30
N ASP B 66 11.80 -33.68 16.25
CA ASP B 66 12.11 -34.10 17.61
C ASP B 66 11.23 -33.33 18.59
N GLU B 67 10.42 -34.07 19.34
CA GLU B 67 9.51 -33.50 20.33
C GLU B 67 10.21 -32.59 21.35
N THR B 68 11.46 -32.91 21.70
CA THR B 68 12.11 -32.17 22.78
C THR B 68 12.44 -30.72 22.40
N LEU B 69 12.42 -30.39 21.11
CA LEU B 69 12.51 -29.00 20.68
C LEU B 69 11.30 -28.17 21.09
N LEU B 70 10.24 -28.80 21.58
CA LEU B 70 9.12 -28.09 22.14
C LEU B 70 9.26 -27.85 23.64
N ASP B 71 10.32 -28.38 24.25
CA ASP B 71 10.43 -28.41 25.71
C ASP B 71 10.28 -27.02 26.33
N SER B 72 10.77 -25.98 25.67
CA SER B 72 10.61 -24.64 26.21
C SER B 72 9.97 -23.71 25.20
N CYS B 73 9.10 -24.26 24.36
N CYS B 73 9.11 -24.24 24.33
CA CYS B 73 8.45 -23.52 23.27
CA CYS B 73 8.50 -23.46 23.27
C CYS B 73 7.18 -22.83 23.74
C CYS B 73 7.18 -22.85 23.71
N TRP B 74 6.91 -21.67 23.15
CA TRP B 74 5.68 -20.91 23.36
C TRP B 74 4.70 -21.05 22.20
N LEU B 75 5.21 -21.20 20.97
CA LEU B 75 4.40 -21.30 19.75
C LEU B 75 5.05 -22.31 18.83
N ALA B 76 4.22 -23.08 18.13
CA ALA B 76 4.67 -24.11 17.21
C ALA B 76 3.88 -24.00 15.92
N ILE B 77 4.57 -24.16 14.79
CA ILE B 77 3.94 -24.13 13.48
C ILE B 77 4.42 -25.35 12.72
N ALA B 78 3.47 -26.16 12.26
CA ALA B 78 3.77 -27.31 11.43
C ALA B 78 3.62 -26.89 9.97
N ALA B 79 4.74 -26.79 9.26
CA ALA B 79 4.71 -26.28 7.89
C ALA B 79 5.42 -27.23 6.92
N THR B 80 5.20 -28.54 7.06
CA THR B 80 5.72 -29.51 6.11
C THR B 80 4.61 -30.00 5.20
N ASP B 81 5.02 -30.68 4.11
CA ASP B 81 4.16 -31.31 3.12
C ASP B 81 3.67 -32.70 3.53
N ASP B 82 4.06 -33.19 4.70
CA ASP B 82 3.76 -34.55 5.12
C ASP B 82 2.73 -34.47 6.25
N ASP B 83 1.50 -34.91 5.95
CA ASP B 83 0.44 -34.86 6.95
C ASP B 83 0.83 -35.61 8.23
N THR B 84 1.55 -36.73 8.09
CA THR B 84 1.95 -37.52 9.25
C THR B 84 2.84 -36.72 10.20
N VAL B 85 3.87 -36.05 9.65
CA VAL B 85 4.77 -35.24 10.48
C VAL B 85 4.02 -34.08 11.11
N ASN B 86 3.11 -33.44 10.35
CA ASN B 86 2.34 -32.33 10.91
C ASN B 86 1.47 -32.79 12.07
N GLN B 87 0.91 -34.00 11.96
CA GLN B 87 0.06 -34.53 13.01
C GLN B 87 0.87 -34.89 14.24
N ARG B 88 2.12 -35.35 14.06
CA ARG B 88 2.98 -35.60 15.20
C ARG B 88 3.40 -34.28 15.86
N VAL B 89 3.59 -33.24 15.05
CA VAL B 89 3.90 -31.93 15.64
C VAL B 89 2.74 -31.45 16.50
N SER B 90 1.54 -31.34 15.91
CA SER B 90 0.41 -30.80 16.64
C SER B 90 0.04 -31.65 17.86
N ASP B 91 0.19 -32.98 17.80
CA ASP B 91 -0.05 -33.82 18.98
C ASP B 91 0.99 -33.55 20.07
N ALA B 92 2.27 -33.44 19.69
CA ALA B 92 3.28 -33.10 20.67
C ALA B 92 3.05 -31.72 21.27
N ALA B 93 2.55 -30.77 20.46
CA ALA B 93 2.28 -29.43 20.98
C ALA B 93 1.07 -29.44 21.92
N GLU B 94 0.04 -30.21 21.59
CA GLU B 94 -1.16 -30.16 22.41
C GLU B 94 -0.92 -30.74 23.80
N SER B 95 -0.13 -31.81 23.90
CA SER B 95 0.11 -32.36 25.22
C SER B 95 1.01 -31.47 26.09
N ARG B 96 1.63 -30.46 25.49
CA ARG B 96 2.43 -29.48 26.22
C ARG B 96 1.72 -28.15 26.39
N ARG B 97 0.48 -28.05 25.91
CA ARG B 97 -0.30 -26.80 25.96
C ARG B 97 0.46 -25.66 25.29
N ILE B 98 1.14 -25.97 24.19
CA ILE B 98 1.72 -24.97 23.30
C ILE B 98 0.74 -24.75 22.15
N PHE B 99 0.26 -23.52 22.00
CA PHE B 99 -0.54 -23.17 20.83
C PHE B 99 0.22 -23.48 19.54
N CYS B 100 -0.51 -24.11 18.61
CA CYS B 100 0.08 -24.71 17.41
C CYS B 100 -0.79 -24.40 16.19
N ASN B 101 -0.13 -24.07 15.08
CA ASN B 101 -0.81 -23.88 13.81
C ASN B 101 -0.33 -24.93 12.81
N VAL B 102 -1.26 -25.52 12.08
CA VAL B 102 -0.93 -26.43 10.98
C VAL B 102 -1.31 -25.72 9.70
N VAL B 103 -0.31 -25.39 8.87
CA VAL B 103 -0.53 -24.46 7.78
C VAL B 103 -1.55 -25.01 6.77
N ASP B 104 -1.49 -26.29 6.48
CA ASP B 104 -2.46 -26.82 5.53
C ASP B 104 -3.84 -27.07 6.14
N ALA B 105 -3.95 -27.13 7.47
CA ALA B 105 -5.15 -27.62 8.14
C ALA B 105 -5.58 -26.74 9.30
N PRO B 106 -6.43 -25.74 9.05
CA PRO B 106 -6.72 -24.75 10.11
C PRO B 106 -7.51 -25.32 11.27
N LYS B 107 -8.36 -26.34 11.02
CA LYS B 107 -9.14 -26.96 12.07
C LYS B 107 -8.38 -28.04 12.83
N ALA B 108 -7.18 -28.41 12.37
CA ALA B 108 -6.41 -29.47 13.00
C ALA B 108 -5.47 -28.96 14.08
N ALA B 109 -5.62 -27.72 14.53
CA ALA B 109 -4.61 -27.14 15.40
C ALA B 109 -5.27 -26.13 16.34
N SER B 110 -4.48 -25.62 17.28
CA SER B 110 -4.99 -24.81 18.38
C SER B 110 -5.00 -23.31 18.08
N PHE B 111 -4.36 -22.84 17.01
CA PHE B 111 -4.53 -21.44 16.64
C PHE B 111 -4.49 -21.31 15.12
N ILE B 112 -5.13 -20.25 14.65
CA ILE B 112 -5.23 -19.89 13.25
C ILE B 112 -4.48 -18.58 13.04
N MET B 113 -3.70 -18.51 11.96
CA MET B 113 -2.94 -17.32 11.64
C MET B 113 -3.79 -16.36 10.81
N PRO B 114 -4.09 -15.17 11.31
CA PRO B 114 -4.94 -14.23 10.58
C PRO B 114 -4.16 -13.44 9.54
N SER B 115 -4.89 -12.84 8.60
CA SER B 115 -4.32 -11.77 7.79
C SER B 115 -4.00 -10.56 8.67
N ILE B 116 -2.85 -9.94 8.45
CA ILE B 116 -2.32 -8.92 9.35
C ILE B 116 -2.10 -7.63 8.56
N ILE B 117 -2.55 -6.51 9.11
CA ILE B 117 -2.22 -5.17 8.64
C ILE B 117 -1.34 -4.55 9.71
N ASP B 118 -0.12 -4.21 9.35
CA ASP B 118 0.94 -3.89 10.31
C ASP B 118 1.20 -2.39 10.28
N ARG B 119 0.77 -1.70 11.34
CA ARG B 119 1.10 -0.29 11.55
C ARG B 119 1.70 -0.09 12.95
N SER B 120 2.52 -1.07 13.41
CA SER B 120 3.18 -1.13 14.72
C SER B 120 3.52 0.24 15.31
N PRO B 121 3.03 0.56 16.53
CA PRO B 121 2.37 -0.38 17.45
C PRO B 121 0.89 -0.71 17.18
N LEU B 122 0.23 0.02 16.28
CA LEU B 122 -1.14 -0.31 15.89
C LEU B 122 -1.14 -1.52 14.97
N MET B 123 -2.05 -2.47 15.23
CA MET B 123 -2.16 -3.66 14.38
C MET B 123 -3.62 -4.07 14.22
N VAL B 124 -3.95 -4.54 13.02
CA VAL B 124 -5.26 -5.08 12.72
C VAL B 124 -5.07 -6.50 12.23
N ALA B 125 -5.93 -7.40 12.70
CA ALA B 125 -5.91 -8.79 12.31
C ALA B 125 -7.32 -9.18 11.85
N VAL B 126 -7.40 -9.85 10.70
CA VAL B 126 -8.65 -10.28 10.10
C VAL B 126 -8.61 -11.79 9.90
N SER B 127 -9.65 -12.48 10.36
CA SER B 127 -9.78 -13.93 10.16
C SER B 127 -11.25 -14.31 10.21
N ALA B 128 -11.59 -15.36 9.47
CA ALA B 128 -12.91 -15.97 9.58
C ALA B 128 -12.82 -17.43 10.00
N GLY B 129 -11.76 -17.78 10.71
CA GLY B 129 -11.60 -19.13 11.23
C GLY B 129 -11.36 -20.18 10.17
N GLY B 130 -10.63 -19.85 9.12
CA GLY B 130 -10.40 -20.79 8.05
C GLY B 130 -11.60 -21.07 7.16
N THR B 131 -12.75 -20.44 7.41
CA THR B 131 -13.87 -20.63 6.49
C THR B 131 -13.70 -19.83 5.20
N SER B 132 -12.80 -18.83 5.18
CA SER B 132 -12.75 -17.89 4.08
C SER B 132 -11.41 -17.16 3.95
N PRO B 133 -10.29 -17.84 3.64
CA PRO B 133 -9.02 -17.11 3.51
C PRO B 133 -9.06 -15.99 2.46
N VAL B 134 -9.81 -16.18 1.37
CA VAL B 134 -9.91 -15.17 0.30
C VAL B 134 -10.62 -13.91 0.80
N LEU B 135 -11.72 -14.06 1.55
CA LEU B 135 -12.36 -12.88 2.11
C LEU B 135 -11.43 -12.12 3.05
N ALA B 136 -10.69 -12.84 3.89
CA ALA B 136 -9.71 -12.23 4.78
C ALA B 136 -8.70 -11.38 4.00
N ARG B 137 -8.14 -11.96 2.93
CA ARG B 137 -7.18 -11.24 2.10
C ARG B 137 -7.82 -10.02 1.44
N LEU B 138 -9.08 -10.15 1.00
CA LEU B 138 -9.79 -9.01 0.43
C LEU B 138 -10.00 -7.91 1.46
N LEU B 139 -10.34 -8.28 2.70
CA LEU B 139 -10.49 -7.26 3.73
C LEU B 139 -9.14 -6.67 4.10
N ARG B 140 -8.08 -7.49 4.10
CA ARG B 140 -6.74 -6.96 4.34
C ARG B 140 -6.38 -5.92 3.28
N GLU B 141 -6.58 -6.26 2.01
CA GLU B 141 -6.26 -5.37 0.91
C GLU B 141 -6.96 -4.02 1.07
N LYS B 142 -8.24 -4.04 1.48
CA LYS B 142 -8.99 -2.82 1.76
C LYS B 142 -8.38 -2.02 2.91
N LEU B 143 -8.12 -2.68 4.04
CA LEU B 143 -7.57 -2.02 5.22
C LEU B 143 -6.19 -1.45 4.94
N GLU B 144 -5.39 -2.16 4.14
CA GLU B 144 -4.06 -1.69 3.78
C GLU B 144 -4.12 -0.39 2.99
N SER B 145 -5.19 -0.18 2.21
CA SER B 145 -5.32 1.05 1.42
C SER B 145 -5.86 2.22 2.23
N LEU B 146 -6.56 1.95 3.33
CA LEU B 146 -7.16 2.99 4.15
C LEU B 146 -6.28 3.43 5.31
N LEU B 147 -5.29 2.63 5.70
CA LEU B 147 -4.49 2.94 6.86
C LEU B 147 -3.19 3.58 6.41
N PRO B 148 -2.94 4.86 6.71
CA PRO B 148 -1.73 5.52 6.19
C PRO B 148 -0.48 4.77 6.66
N GLN B 149 0.54 4.78 5.80
CA GLN B 149 1.73 3.96 6.00
C GLN B 149 2.46 4.28 7.30
N HIS B 150 2.31 5.50 7.82
CA HIS B 150 3.09 5.92 8.97
C HIS B 150 2.22 6.19 10.18
N LEU B 151 1.03 5.59 10.23
CA LEU B 151 0.15 5.81 11.36
C LEU B 151 0.80 5.34 12.66
N GLY B 152 1.69 4.35 12.57
CA GLY B 152 2.30 3.80 13.76
C GLY B 152 3.23 4.76 14.46
N GLN B 153 3.82 5.69 13.71
CA GLN B 153 4.74 6.64 14.34
C GLN B 153 3.97 7.74 15.07
N VAL B 154 2.79 8.09 14.58
CA VAL B 154 1.88 8.94 15.33
C VAL B 154 1.40 8.22 16.59
N ALA B 155 1.06 6.93 16.47
CA ALA B 155 0.62 6.18 17.64
C ALA B 155 1.70 6.16 18.71
N ARG B 156 2.94 5.88 18.31
CA ARG B 156 4.03 5.80 19.26
C ARG B 156 4.29 7.16 19.93
N TYR B 157 4.14 8.24 19.16
CA TYR B 157 4.40 9.59 19.65
C TYR B 157 3.26 10.11 20.51
N ALA B 158 2.02 9.67 20.25
CA ALA B 158 0.90 10.06 21.07
C ALA B 158 1.08 9.59 22.51
N GLY B 159 1.50 8.33 22.69
CA GLY B 159 1.76 7.82 24.02
C GLY B 159 2.79 8.62 24.80
N GLN B 160 3.68 9.32 24.10
CA GLN B 160 4.66 10.21 24.72
C GLN B 160 4.11 11.62 24.89
N LEU B 161 2.79 11.78 24.84
CA LEU B 161 2.13 13.06 24.88
C LEU B 161 0.91 13.06 25.81
N ARG B 162 0.48 11.88 26.27
CA ARG B 162 -0.70 11.76 27.12
C ARG B 162 -0.66 12.71 28.31
N ALA B 163 0.54 12.97 28.83
CA ALA B 163 0.67 13.89 29.95
C ALA B 163 0.42 15.33 29.50
N ARG B 164 1.18 15.80 28.51
CA ARG B 164 1.10 17.20 28.10
C ARG B 164 -0.26 17.57 27.54
N VAL B 165 -1.11 16.60 27.22
CA VAL B 165 -2.44 16.90 26.69
C VAL B 165 -3.47 17.05 27.80
N LYS B 166 -3.40 16.23 28.86
CA LYS B 166 -4.33 16.42 29.97
C LYS B 166 -4.02 17.69 30.75
N LYS B 167 -2.75 18.07 30.83
CA LYS B 167 -2.34 19.26 31.58
C LYS B 167 -2.87 20.55 30.96
N GLN B 168 -3.17 20.55 29.65
CA GLN B 168 -3.72 21.73 29.00
C GLN B 168 -5.17 21.55 28.57
N PHE B 169 -5.70 20.33 28.62
CA PHE B 169 -7.10 20.04 28.26
C PHE B 169 -7.71 19.26 29.42
N ALA B 170 -8.56 19.91 30.22
CA ALA B 170 -9.12 19.32 31.42
C ALA B 170 -10.53 18.78 31.21
N THR B 171 -10.86 18.34 29.98
CA THR B 171 -12.21 17.91 29.67
C THR B 171 -12.18 16.67 28.79
N MET B 172 -12.90 15.63 29.21
CA MET B 172 -13.17 14.51 28.32
C MET B 172 -14.13 14.97 27.24
N GLY B 173 -13.78 14.69 25.98
CA GLY B 173 -14.49 15.28 24.87
C GLY B 173 -13.68 16.41 24.28
N GLU B 174 -13.07 17.21 25.14
CA GLU B 174 -12.02 18.13 24.67
C GLU B 174 -10.80 17.36 24.24
N ARG B 175 -10.31 16.45 25.09
CA ARG B 175 -9.21 15.58 24.70
C ARG B 175 -9.62 14.60 23.61
N ARG B 176 -10.90 14.22 23.56
CA ARG B 176 -11.33 13.34 22.49
C ARG B 176 -11.19 14.03 21.12
N ARG B 177 -11.27 15.35 21.09
CA ARG B 177 -11.13 16.09 19.83
C ARG B 177 -9.68 16.41 19.50
N PHE B 178 -8.83 16.61 20.51
CA PHE B 178 -7.42 16.85 20.21
C PHE B 178 -6.79 15.62 19.58
N TRP B 179 -7.04 14.43 20.15
CA TRP B 179 -6.55 13.22 19.51
C TRP B 179 -7.14 13.06 18.11
N GLU B 180 -8.38 13.51 17.91
CA GLU B 180 -9.05 13.29 16.63
C GLU B 180 -8.37 14.06 15.50
N LYS B 181 -7.91 15.29 15.78
CA LYS B 181 -7.12 16.02 14.78
C LYS B 181 -5.65 15.64 14.82
N PHE B 182 -5.19 15.08 15.94
CA PHE B 182 -3.78 14.68 16.05
C PHE B 182 -3.49 13.48 15.15
N PHE B 183 -4.35 12.47 15.16
CA PHE B 183 -4.06 11.23 14.44
C PHE B 183 -4.30 11.32 12.94
N VAL B 184 -5.01 12.35 12.47
CA VAL B 184 -5.17 12.56 11.03
C VAL B 184 -4.26 13.64 10.49
N ASN B 185 -3.53 14.34 11.35
CA ASN B 185 -2.50 15.26 10.89
C ASN B 185 -1.38 14.39 10.33
N ASP B 186 -1.42 14.16 9.01
CA ASP B 186 -0.41 13.34 8.35
C ASP B 186 0.85 14.12 7.98
N ARG B 187 0.84 15.45 8.11
CA ARG B 187 2.09 16.19 8.04
C ARG B 187 2.98 15.87 9.22
N LEU B 188 2.43 15.95 10.44
CA LEU B 188 3.15 15.49 11.63
C LEU B 188 3.62 14.05 11.48
N ALA B 189 2.78 13.20 10.87
CA ALA B 189 3.15 11.80 10.64
C ALA B 189 4.37 11.67 9.74
N GLN B 190 4.32 12.30 8.56
CA GLN B 190 5.46 12.28 7.65
C GLN B 190 6.66 12.99 8.29
N SER B 191 6.41 14.07 9.03
CA SER B 191 7.48 14.75 9.75
C SER B 191 8.20 13.81 10.73
N LEU B 192 7.44 12.97 11.44
CA LEU B 192 8.06 11.97 12.33
C LEU B 192 8.80 10.90 11.54
N ALA B 193 8.22 10.46 10.40
CA ALA B 193 8.84 9.41 9.60
C ALA B 193 10.18 9.87 9.01
N ASN B 194 10.26 11.14 8.57
CA ASN B 194 11.46 11.70 7.98
C ASN B 194 12.56 12.00 9.00
N ALA B 195 12.23 11.95 10.30
CA ALA B 195 13.13 12.36 11.37
C ALA B 195 13.56 13.81 11.18
N ASP B 196 12.57 14.68 10.99
CA ASP B 196 12.77 16.13 10.89
C ASP B 196 12.19 16.75 12.17
N GLU B 197 12.93 16.59 13.27
CA GLU B 197 12.41 16.93 14.59
C GLU B 197 12.21 18.42 14.82
N LYS B 198 12.74 19.29 13.95
CA LYS B 198 12.38 20.70 14.04
C LYS B 198 10.94 20.91 13.63
N ALA B 199 10.52 20.23 12.55
CA ALA B 199 9.16 20.34 12.02
C ALA B 199 8.14 19.56 12.82
N VAL B 200 8.57 18.70 13.76
CA VAL B 200 7.66 17.91 14.58
C VAL B 200 7.06 18.80 15.67
N ASN B 201 7.88 19.24 16.63
CA ASN B 201 7.33 20.08 17.68
C ASN B 201 6.89 21.45 17.15
N ALA B 202 7.28 21.80 15.92
CA ALA B 202 6.63 22.91 15.23
C ALA B 202 5.17 22.59 14.95
N THR B 203 4.90 21.44 14.32
CA THR B 203 3.52 20.99 14.14
C THR B 203 2.86 20.69 15.48
N THR B 204 3.64 20.16 16.43
CA THR B 204 3.08 19.85 17.75
C THR B 204 2.62 21.10 18.47
N GLU B 205 3.46 22.14 18.49
CA GLU B 205 3.07 23.39 19.12
C GLU B 205 1.87 24.01 18.40
N ARG B 206 1.78 23.84 17.08
CA ARG B 206 0.59 24.27 16.38
C ARG B 206 -0.65 23.52 16.85
N LEU B 207 -0.53 22.24 17.22
CA LEU B 207 -1.70 21.47 17.62
C LEU B 207 -2.20 21.88 19.00
N PHE B 208 -1.31 22.37 19.87
CA PHE B 208 -1.73 22.90 21.17
C PHE B 208 -2.09 24.38 21.13
N SER B 209 -1.54 25.15 20.19
CA SER B 209 -1.76 26.59 20.16
C SER B 209 -3.09 26.94 19.50
N GLU B 210 -3.23 26.63 18.20
CA GLU B 210 -4.46 26.90 17.47
C GLU B 210 -5.63 26.22 18.17
N PRO B 211 -6.85 26.70 17.96
CA PRO B 211 -8.01 26.07 18.61
C PRO B 211 -8.18 24.62 18.16
N LEU B 212 -8.89 23.84 19.00
CA LEU B 212 -9.22 22.47 18.62
C LEU B 212 -9.98 22.43 17.30
N ASP B 213 -10.95 23.34 17.16
CA ASP B 213 -11.84 23.37 16.01
C ASP B 213 -11.09 23.62 14.70
N HIS B 214 -9.96 24.33 14.77
CA HIS B 214 -9.20 24.70 13.58
C HIS B 214 -8.16 23.63 13.27
N ARG B 215 -8.26 23.06 12.07
CA ARG B 215 -7.33 22.09 11.54
C ARG B 215 -7.02 22.41 10.08
N GLY B 216 -6.79 23.69 9.79
CA GLY B 216 -6.75 24.16 8.41
C GLY B 216 -5.49 23.73 7.67
N GLU B 217 -5.67 23.33 6.41
CA GLU B 217 -4.59 22.90 5.54
C GLU B 217 -5.16 22.65 4.16
N VAL B 218 -4.29 22.68 3.15
CA VAL B 218 -4.66 22.37 1.76
C VAL B 218 -3.82 21.18 1.31
N VAL B 219 -4.46 20.20 0.69
CA VAL B 219 -3.75 19.11 0.03
C VAL B 219 -4.08 19.17 -1.44
N LEU B 220 -3.05 19.36 -2.26
CA LEU B 220 -3.14 19.14 -3.71
C LEU B 220 -3.12 17.65 -4.00
N VAL B 221 -4.22 17.08 -4.49
CA VAL B 221 -4.26 15.64 -4.79
C VAL B 221 -4.45 15.43 -6.29
N GLY B 222 -3.55 14.66 -6.89
CA GLY B 222 -3.69 14.26 -8.28
C GLY B 222 -4.62 13.07 -8.42
N ALA B 223 -5.66 13.21 -9.24
CA ALA B 223 -6.71 12.21 -9.34
C ALA B 223 -6.41 11.12 -10.36
N GLY B 224 -5.38 11.27 -11.18
CA GLY B 224 -5.16 10.36 -12.28
C GLY B 224 -6.04 10.71 -13.46
N PRO B 225 -5.95 9.93 -14.53
CA PRO B 225 -6.66 10.32 -15.76
C PRO B 225 -8.14 9.97 -15.74
N GLY B 226 -8.62 9.21 -14.78
CA GLY B 226 -10.05 8.97 -14.76
C GLY B 226 -10.42 7.66 -14.08
N ASP B 227 -9.77 6.57 -14.47
CA ASP B 227 -10.01 5.30 -13.82
C ASP B 227 -9.77 5.47 -12.32
N ALA B 228 -10.82 5.18 -11.54
CA ALA B 228 -10.75 5.36 -10.08
C ALA B 228 -9.66 4.51 -9.45
N GLY B 229 -9.33 3.36 -10.05
CA GLY B 229 -8.26 2.54 -9.51
C GLY B 229 -6.87 3.14 -9.63
N LEU B 230 -6.72 4.28 -10.31
CA LEU B 230 -5.41 4.86 -10.52
C LEU B 230 -5.11 5.99 -9.56
N LEU B 231 -6.05 6.25 -8.65
CA LEU B 231 -5.77 7.07 -7.49
C LEU B 231 -4.74 6.39 -6.60
N THR B 232 -3.81 7.16 -6.05
CA THR B 232 -2.83 6.59 -5.12
C THR B 232 -3.50 6.28 -3.78
N LEU B 233 -2.86 5.39 -3.02
CA LEU B 233 -3.32 5.10 -1.66
C LEU B 233 -3.40 6.38 -0.83
N LYS B 234 -2.34 7.18 -0.85
CA LYS B 234 -2.31 8.45 -0.14
C LYS B 234 -3.39 9.41 -0.62
N GLY B 235 -3.66 9.43 -1.93
CA GLY B 235 -4.76 10.26 -2.42
C GLY B 235 -6.09 9.87 -1.81
N LEU B 236 -6.41 8.58 -1.83
CA LEU B 236 -7.65 8.10 -1.21
C LEU B 236 -7.74 8.54 0.25
N GLN B 237 -6.67 8.29 1.02
CA GLN B 237 -6.70 8.59 2.44
C GLN B 237 -6.94 10.08 2.69
N GLN B 238 -6.33 10.96 1.88
CA GLN B 238 -6.58 12.40 2.01
C GLN B 238 -8.02 12.77 1.67
N ILE B 239 -8.57 12.16 0.62
CA ILE B 239 -9.96 12.39 0.24
C ILE B 239 -10.92 11.91 1.32
N GLN B 240 -10.55 10.89 2.07
CA GLN B 240 -11.43 10.36 3.09
C GLN B 240 -11.41 11.19 4.38
N GLN B 241 -10.44 12.08 4.56
CA GLN B 241 -10.37 12.92 5.75
C GLN B 241 -10.67 14.39 5.46
N ALA B 242 -11.01 14.74 4.22
CA ALA B 242 -11.22 16.13 3.84
C ALA B 242 -12.54 16.66 4.40
N ASP B 243 -12.49 17.90 4.90
CA ASP B 243 -13.71 18.64 5.25
C ASP B 243 -14.35 19.26 4.02
N ILE B 244 -13.56 19.53 2.99
CA ILE B 244 -14.05 20.16 1.77
C ILE B 244 -13.17 19.72 0.61
N VAL B 245 -13.81 19.31 -0.49
CA VAL B 245 -13.11 18.92 -1.71
C VAL B 245 -13.43 19.95 -2.79
N VAL B 246 -12.39 20.59 -3.30
CA VAL B 246 -12.50 21.51 -4.43
C VAL B 246 -12.07 20.74 -5.67
N TYR B 247 -12.98 20.59 -6.63
CA TYR B 247 -12.72 19.76 -7.79
C TYR B 247 -13.23 20.45 -9.04
N ASP B 248 -12.82 19.94 -10.18
CA ASP B 248 -13.17 20.55 -11.46
C ASP B 248 -13.64 19.47 -12.43
N ARG B 249 -13.91 19.91 -13.65
CA ARG B 249 -14.49 19.04 -14.67
C ARG B 249 -13.65 17.79 -14.91
N LEU B 250 -12.33 17.91 -14.85
CA LEU B 250 -11.44 16.84 -15.30
C LEU B 250 -11.26 15.74 -14.27
N VAL B 251 -11.86 15.87 -13.09
CA VAL B 251 -11.86 14.81 -12.10
C VAL B 251 -13.08 13.92 -12.36
N SER B 252 -12.84 12.62 -12.55
CA SER B 252 -13.90 11.74 -13.03
C SER B 252 -14.97 11.49 -11.98
N ASP B 253 -16.19 11.17 -12.45
CA ASP B 253 -17.27 10.75 -11.56
C ASP B 253 -16.83 9.60 -10.65
N ASP B 254 -16.06 8.65 -11.19
CA ASP B 254 -15.62 7.52 -10.37
C ASP B 254 -14.78 7.97 -9.19
N ILE B 255 -13.87 8.93 -9.40
CA ILE B 255 -13.06 9.42 -8.28
C ILE B 255 -13.95 10.14 -7.27
N MET B 256 -14.78 11.07 -7.74
CA MET B 256 -15.66 11.79 -6.83
C MET B 256 -16.55 10.85 -6.02
N ASN B 257 -16.97 9.71 -6.62
CA ASN B 257 -17.75 8.72 -5.87
C ASN B 257 -17.00 8.14 -4.68
N LEU B 258 -15.68 8.37 -4.59
CA LEU B 258 -14.85 7.93 -3.47
C LEU B 258 -14.74 8.98 -2.37
N VAL B 259 -15.27 10.20 -2.59
CA VAL B 259 -15.13 11.27 -1.60
C VAL B 259 -15.98 10.95 -0.37
N ARG B 260 -15.43 11.31 0.81
CA ARG B 260 -16.13 11.21 2.08
C ARG B 260 -17.61 11.58 1.96
N ARG B 261 -18.45 10.80 2.64
CA ARG B 261 -19.90 11.05 2.61
C ARG B 261 -20.25 12.41 3.18
N ASP B 262 -19.73 12.73 4.37
CA ASP B 262 -20.03 14.00 5.04
C ASP B 262 -18.99 15.07 4.70
N ALA B 263 -18.52 15.15 3.46
CA ALA B 263 -17.61 16.19 3.02
C ALA B 263 -18.34 17.19 2.15
N ASP B 264 -17.96 18.45 2.26
CA ASP B 264 -18.50 19.49 1.41
C ASP B 264 -17.74 19.52 0.09
N ARG B 265 -18.49 19.76 -0.99
CA ARG B 265 -17.94 19.78 -2.33
C ARG B 265 -18.07 21.19 -2.90
N VAL B 266 -16.98 21.69 -3.50
CA VAL B 266 -16.99 22.92 -4.28
C VAL B 266 -16.53 22.57 -5.68
N PHE B 267 -17.37 22.87 -6.67
CA PHE B 267 -17.08 22.61 -8.08
C PHE B 267 -16.61 23.91 -8.71
N VAL B 268 -15.44 23.89 -9.35
CA VAL B 268 -14.88 25.10 -9.95
C VAL B 268 -14.65 24.95 -11.46
N GLY B 269 -15.28 23.96 -12.08
CA GLY B 269 -15.21 23.80 -13.52
C GLY B 269 -15.97 24.89 -14.27
N PRO B 278 -12.03 31.41 -14.34
CA PRO B 278 -10.76 32.11 -14.15
C PRO B 278 -9.88 31.47 -13.07
N GLN B 279 -8.55 31.45 -13.30
CA GLN B 279 -7.65 30.73 -12.40
C GLN B 279 -7.45 31.46 -11.08
N GLU B 280 -7.43 32.79 -11.10
CA GLU B 280 -7.21 33.54 -9.87
C GLU B 280 -8.33 33.31 -8.87
N GLU B 281 -9.54 33.05 -9.35
CA GLU B 281 -10.67 32.80 -8.45
C GLU B 281 -10.45 31.51 -7.66
N ILE B 282 -9.99 30.45 -8.34
CA ILE B 282 -9.74 29.17 -7.67
C ILE B 282 -8.74 29.33 -6.54
N ASN B 283 -7.74 30.21 -6.74
CA ASN B 283 -6.72 30.42 -5.73
C ASN B 283 -7.32 30.97 -4.44
N GLN B 284 -8.24 31.93 -4.56
CA GLN B 284 -8.88 32.51 -3.38
C GLN B 284 -9.78 31.50 -2.67
N ILE B 285 -10.50 30.69 -3.45
CA ILE B 285 -11.39 29.68 -2.88
C ILE B 285 -10.60 28.75 -1.96
N LEU B 286 -9.43 28.31 -2.41
CA LEU B 286 -8.60 27.43 -1.60
C LEU B 286 -8.16 28.11 -0.31
N LEU B 287 -7.74 29.37 -0.40
CA LEU B 287 -7.05 30.01 0.71
C LEU B 287 -7.98 30.17 1.91
N ARG B 288 -9.10 30.84 1.73
CA ARG B 288 -9.88 31.21 2.90
C ARG B 288 -10.91 30.15 3.29
N GLU B 289 -11.17 29.16 2.43
CA GLU B 289 -11.80 27.94 2.93
C GLU B 289 -10.82 27.12 3.75
N ALA B 290 -9.52 27.35 3.58
CA ALA B 290 -8.50 26.83 4.49
C ALA B 290 -8.26 27.76 5.67
N GLN B 291 -8.49 29.06 5.49
CA GLN B 291 -8.45 29.99 6.62
C GLN B 291 -9.73 29.97 7.43
N LYS B 292 -10.80 29.35 6.93
CA LYS B 292 -11.92 28.95 7.76
C LYS B 292 -11.53 27.88 8.77
N GLY B 293 -10.33 27.32 8.69
CA GLY B 293 -9.91 26.27 9.60
C GLY B 293 -10.25 24.88 9.15
N LYS B 294 -10.43 24.65 7.86
CA LYS B 294 -10.93 23.39 7.35
C LYS B 294 -9.86 22.66 6.55
N ARG B 295 -9.88 21.33 6.66
CA ARG B 295 -8.98 20.47 5.91
C ARG B 295 -9.45 20.39 4.45
N VAL B 296 -8.73 21.04 3.56
CA VAL B 296 -9.16 21.26 2.18
C VAL B 296 -8.39 20.34 1.26
N VAL B 297 -9.11 19.64 0.38
CA VAL B 297 -8.48 18.83 -0.67
C VAL B 297 -8.82 19.46 -2.01
N ARG B 298 -7.79 19.82 -2.76
CA ARG B 298 -7.93 20.30 -4.13
C ARG B 298 -7.68 19.10 -5.04
N LEU B 299 -8.75 18.50 -5.55
CA LEU B 299 -8.63 17.37 -6.49
C LEU B 299 -8.42 17.89 -7.91
N LYS B 300 -7.42 17.36 -8.60
CA LYS B 300 -7.17 17.76 -9.98
C LYS B 300 -6.97 16.53 -10.85
N GLY B 301 -7.34 16.65 -12.12
CA GLY B 301 -7.14 15.54 -13.05
C GLY B 301 -5.65 15.26 -13.26
N GLY B 302 -5.32 13.96 -13.37
CA GLY B 302 -3.94 13.60 -13.66
C GLY B 302 -3.00 13.94 -12.51
N ASP B 303 -1.90 14.63 -12.81
CA ASP B 303 -0.89 15.04 -11.84
C ASP B 303 -0.89 16.57 -11.65
N PRO B 304 -0.99 17.07 -10.42
CA PRO B 304 -1.21 18.52 -10.24
C PRO B 304 -0.07 19.42 -10.77
N PHE B 305 1.13 18.90 -10.94
CA PHE B 305 2.28 19.71 -11.33
C PHE B 305 2.65 19.58 -12.80
N ILE B 306 1.82 18.91 -13.61
CA ILE B 306 2.06 18.75 -15.05
C ILE B 306 0.90 19.40 -15.77
N PHE B 307 1.09 20.66 -16.20
CA PHE B 307 0.06 21.45 -16.86
C PHE B 307 -1.22 21.53 -16.03
N GLY B 308 -1.12 21.47 -14.71
CA GLY B 308 -2.30 21.53 -13.86
C GLY B 308 -2.48 22.87 -13.16
N ARG B 309 -1.49 23.74 -13.26
CA ARG B 309 -1.44 25.01 -12.52
C ARG B 309 -1.41 24.80 -11.02
N GLY B 310 -1.01 23.60 -10.57
CA GLY B 310 -0.81 23.36 -9.16
C GLY B 310 0.20 24.32 -8.54
N GLY B 311 1.20 24.74 -9.31
CA GLY B 311 2.13 25.72 -8.81
C GLY B 311 1.45 27.02 -8.42
N GLU B 312 0.56 27.52 -9.30
CA GLU B 312 -0.11 28.79 -9.03
C GLU B 312 -1.03 28.72 -7.81
N GLU B 313 -1.66 27.58 -7.59
CA GLU B 313 -2.64 27.47 -6.50
C GLU B 313 -1.96 27.39 -5.15
N LEU B 314 -0.75 26.83 -5.07
CA LEU B 314 -0.06 26.76 -3.79
C LEU B 314 0.65 28.04 -3.40
N GLU B 315 1.17 28.80 -4.38
CA GLU B 315 1.95 29.98 -4.02
C GLU B 315 1.11 31.00 -3.29
N THR B 316 -0.22 30.95 -3.48
CA THR B 316 -1.10 31.83 -2.73
C THR B 316 -1.11 31.48 -1.24
N LEU B 317 -0.91 30.20 -0.91
CA LEU B 317 -0.82 29.73 0.47
C LEU B 317 0.55 29.99 1.10
N CYS B 318 1.48 30.58 0.36
CA CYS B 318 2.83 30.78 0.87
C CYS B 318 2.89 31.89 1.92
N HIS B 319 2.80 33.17 1.51
CA HIS B 319 2.87 34.30 2.43
C HIS B 319 1.59 34.41 3.27
N ALA B 320 0.82 33.32 3.37
CA ALA B 320 -0.45 33.31 4.06
C ALA B 320 -0.50 32.38 5.25
N GLY B 321 0.56 31.61 5.51
CA GLY B 321 0.62 30.77 6.69
C GLY B 321 -0.09 29.43 6.60
N ILE B 322 -0.77 29.14 5.49
CA ILE B 322 -1.53 27.90 5.37
C ILE B 322 -0.60 26.78 4.96
N PRO B 323 -0.45 25.73 5.77
CA PRO B 323 0.37 24.59 5.38
C PRO B 323 -0.27 23.79 4.25
N PHE B 324 0.57 23.28 3.36
CA PHE B 324 0.09 22.52 2.23
C PHE B 324 0.95 21.29 2.02
N SER B 325 0.49 20.44 1.11
CA SER B 325 1.23 19.24 0.73
C SER B 325 0.66 18.81 -0.62
N VAL B 326 1.36 17.90 -1.29
CA VAL B 326 1.05 17.57 -2.68
C VAL B 326 1.11 16.05 -2.84
N VAL B 327 0.02 15.46 -3.31
CA VAL B 327 -0.01 14.04 -3.61
C VAL B 327 0.05 13.89 -5.11
N PRO B 328 1.12 13.37 -5.70
CA PRO B 328 1.19 13.26 -7.15
C PRO B 328 0.17 12.24 -7.68
N GLY B 329 -0.19 12.43 -8.94
CA GLY B 329 -1.13 11.57 -9.62
C GLY B 329 -0.53 11.01 -10.91
N ILE B 330 -1.22 10.03 -11.48
CA ILE B 330 -0.87 9.46 -12.78
C ILE B 330 -1.18 10.51 -13.84
N THR B 331 -0.14 11.04 -14.48
CA THR B 331 -0.43 12.03 -15.50
C THR B 331 -1.08 11.36 -16.70
N ALA B 332 -1.69 12.18 -17.57
CA ALA B 332 -2.41 11.64 -18.71
C ALA B 332 -1.51 10.84 -19.63
N ALA B 333 -0.29 11.33 -19.88
CA ALA B 333 0.65 10.56 -20.70
C ALA B 333 0.82 9.14 -20.18
N SER B 334 1.10 8.98 -18.89
CA SER B 334 1.36 7.65 -18.33
C SER B 334 0.13 6.75 -18.45
N GLY B 335 -1.03 7.26 -18.06
CA GLY B 335 -2.25 6.46 -18.10
C GLY B 335 -2.60 6.01 -19.51
N CYS B 336 -2.63 6.97 -20.46
CA CYS B 336 -3.00 6.64 -21.84
C CYS B 336 -1.96 5.71 -22.47
N SER B 337 -0.69 5.89 -22.10
CA SER B 337 0.35 4.98 -22.57
C SER B 337 0.05 3.54 -22.14
N ALA B 338 -0.19 3.32 -20.85
CA ALA B 338 -0.41 1.97 -20.39
C ALA B 338 -1.68 1.39 -20.98
N TYR B 339 -2.73 2.20 -21.08
CA TYR B 339 -4.05 1.68 -21.40
C TYR B 339 -4.32 1.59 -22.90
N SER B 340 -3.44 2.15 -23.74
CA SER B 340 -3.57 2.03 -25.19
C SER B 340 -2.56 1.07 -25.78
N GLY B 341 -1.64 0.53 -24.97
CA GLY B 341 -0.60 -0.29 -25.53
C GLY B 341 0.48 0.46 -26.26
N ILE B 342 0.68 1.74 -25.94
CA ILE B 342 1.73 2.55 -26.57
C ILE B 342 2.72 2.95 -25.49
N PRO B 343 3.86 2.27 -25.39
CA PRO B 343 4.89 2.68 -24.41
C PRO B 343 5.55 3.98 -24.85
N LEU B 344 5.76 4.88 -23.89
CA LEU B 344 6.39 6.16 -24.21
C LEU B 344 7.87 5.97 -24.58
N THR B 345 8.53 4.95 -24.04
CA THR B 345 9.86 4.54 -24.51
C THR B 345 9.82 3.06 -24.85
N HIS B 346 10.83 2.62 -25.60
CA HIS B 346 10.99 1.22 -26.01
C HIS B 346 12.31 1.03 -26.75
N ARG B 347 13.16 0.13 -26.26
CA ARG B 347 14.49 -0.10 -26.82
C ARG B 347 15.14 1.21 -27.23
N ASP B 348 15.49 1.32 -28.52
CA ASP B 348 16.14 2.50 -29.06
C ASP B 348 15.18 3.40 -29.85
N TYR B 349 13.86 3.25 -29.67
CA TYR B 349 12.93 4.07 -30.44
C TYR B 349 13.03 5.54 -30.06
N ALA B 350 13.21 5.84 -28.78
CA ALA B 350 13.12 7.21 -28.27
C ALA B 350 14.19 7.46 -27.21
N GLN B 351 15.07 8.44 -27.45
CA GLN B 351 15.99 8.91 -26.41
C GLN B 351 15.30 9.79 -25.38
N SER B 352 14.13 10.33 -25.69
CA SER B 352 13.45 11.22 -24.76
C SER B 352 11.95 11.17 -25.02
N VAL B 353 11.20 11.57 -24.00
CA VAL B 353 9.75 11.71 -24.05
C VAL B 353 9.42 13.17 -23.85
N ARG B 354 8.56 13.72 -24.70
CA ARG B 354 8.28 15.14 -24.70
C ARG B 354 6.81 15.37 -24.36
N LEU B 355 6.57 15.98 -23.20
CA LEU B 355 5.23 16.41 -22.79
C LEU B 355 5.06 17.88 -23.13
N VAL B 356 4.14 18.19 -24.06
CA VAL B 356 3.98 19.53 -24.65
C VAL B 356 2.53 19.98 -24.63
N THR B 357 2.30 21.29 -24.48
CA THR B 357 0.97 21.87 -24.58
C THR B 357 0.62 22.27 -26.00
N GLY B 358 -0.58 22.83 -26.14
CA GLY B 358 -1.06 23.43 -27.38
C GLY B 358 -1.97 24.62 -27.11
N THR B 362 -0.73 29.74 -25.15
CA THR B 362 -0.66 31.07 -24.57
C THR B 362 0.74 31.33 -24.02
N GLY B 363 1.22 32.56 -24.18
CA GLY B 363 2.55 32.94 -23.73
C GLY B 363 3.65 32.78 -24.75
N GLY B 364 3.33 32.50 -26.01
CA GLY B 364 4.34 32.38 -27.05
C GLY B 364 3.84 31.54 -28.22
N GLU B 365 4.79 30.86 -28.87
CA GLU B 365 4.55 29.99 -30.00
C GLU B 365 5.50 28.79 -29.89
N LEU B 366 5.12 27.68 -30.52
CA LEU B 366 5.88 26.44 -30.38
C LEU B 366 7.09 26.42 -31.30
N ASP B 367 8.19 25.84 -30.81
CA ASP B 367 9.43 25.67 -31.59
C ASP B 367 9.32 24.39 -32.39
N TRP B 368 9.10 24.54 -33.71
CA TRP B 368 8.72 23.39 -34.53
C TRP B 368 9.92 22.58 -35.01
N GLU B 369 11.04 23.24 -35.29
CA GLU B 369 12.27 22.51 -35.61
C GLU B 369 12.62 21.53 -34.50
N ASN B 370 12.55 22.00 -33.25
CA ASN B 370 12.85 21.17 -32.09
C ASN B 370 12.03 19.88 -32.06
N LEU B 371 10.71 20.00 -32.27
CA LEU B 371 9.81 18.87 -32.06
C LEU B 371 9.93 17.80 -33.13
N ALA B 372 10.34 18.18 -34.35
CA ALA B 372 10.46 17.27 -35.48
C ALA B 372 11.69 16.39 -35.41
N ALA B 373 12.59 16.64 -34.47
CA ALA B 373 13.84 15.90 -34.36
C ALA B 373 13.57 14.43 -34.01
N GLU B 374 14.40 13.55 -34.58
CA GLU B 374 14.20 12.11 -34.49
C GLU B 374 14.44 11.62 -33.06
N LYS B 375 14.03 10.38 -32.79
CA LYS B 375 14.29 9.69 -31.52
C LYS B 375 13.53 10.32 -30.36
N GLN B 376 12.34 10.86 -30.60
CA GLN B 376 11.46 11.37 -29.58
C GLN B 376 10.13 10.64 -29.61
N THR B 377 9.51 10.55 -28.45
CA THR B 377 8.07 10.35 -28.31
C THR B 377 7.48 11.69 -27.92
N LEU B 378 6.62 12.24 -28.77
CA LEU B 378 5.94 13.50 -28.50
C LEU B 378 4.57 13.20 -27.92
N VAL B 379 4.22 13.86 -26.82
CA VAL B 379 2.90 13.74 -26.22
C VAL B 379 2.34 15.15 -26.11
N PHE B 380 1.30 15.44 -26.89
CA PHE B 380 0.67 16.76 -26.87
C PHE B 380 -0.54 16.74 -25.94
N TYR B 381 -0.50 17.61 -24.92
CA TYR B 381 -1.66 17.91 -24.08
C TYR B 381 -2.37 19.13 -24.63
N MET B 382 -3.71 19.10 -24.61
CA MET B 382 -4.53 20.23 -25.06
C MET B 382 -4.18 20.61 -26.50
N GLY B 383 -4.15 19.61 -27.38
CA GLY B 383 -3.63 19.81 -28.71
C GLY B 383 -4.61 19.75 -29.86
N LEU B 384 -5.82 19.21 -29.64
CA LEU B 384 -6.78 19.02 -30.73
C LEU B 384 -6.99 20.29 -31.55
N ASN B 385 -7.19 21.44 -30.88
CA ASN B 385 -7.44 22.71 -31.56
C ASN B 385 -6.29 23.15 -32.44
N GLN B 386 -5.15 22.47 -32.40
CA GLN B 386 -4.04 22.79 -33.27
C GLN B 386 -3.55 21.54 -33.98
N ALA B 387 -4.41 20.53 -34.12
CA ALA B 387 -3.96 19.24 -34.63
C ALA B 387 -3.69 19.29 -36.13
N ALA B 388 -4.42 20.12 -36.87
CA ALA B 388 -4.10 20.34 -38.28
C ALA B 388 -2.82 21.16 -38.41
N THR B 389 -2.61 22.11 -37.50
CA THR B 389 -1.37 22.90 -37.50
C THR B 389 -0.16 22.02 -37.19
N ILE B 390 -0.29 21.19 -36.15
CA ILE B 390 0.79 20.28 -35.76
C ILE B 390 1.21 19.38 -36.92
N GLN B 391 0.22 18.84 -37.65
CA GLN B 391 0.47 17.91 -38.75
C GLN B 391 1.45 18.48 -39.78
N GLU B 392 1.06 19.55 -40.47
CA GLU B 392 1.92 20.06 -41.53
C GLU B 392 3.18 20.72 -40.98
N LYS B 393 3.11 21.31 -39.77
CA LYS B 393 4.27 21.99 -39.22
C LYS B 393 5.37 21.00 -38.86
N LEU B 394 5.02 19.76 -38.52
CA LEU B 394 6.03 18.73 -38.26
C LEU B 394 6.63 18.20 -39.56
N ILE B 395 5.83 17.97 -40.59
CA ILE B 395 6.43 17.42 -41.81
C ILE B 395 7.10 18.53 -42.62
N ALA B 396 6.70 19.78 -42.44
CA ALA B 396 7.44 20.90 -43.01
C ALA B 396 8.71 21.25 -42.24
N PHE B 397 9.04 20.53 -41.16
CA PHE B 397 10.32 20.69 -40.49
C PHE B 397 11.10 19.37 -40.43
N GLY B 398 10.82 18.45 -41.34
CA GLY B 398 11.65 17.30 -41.56
C GLY B 398 11.08 15.99 -41.08
N MET B 399 10.10 16.01 -40.18
CA MET B 399 9.62 14.76 -39.64
C MET B 399 9.13 13.87 -40.77
N GLN B 400 9.48 12.60 -40.69
CA GLN B 400 9.12 11.64 -41.71
C GLN B 400 7.61 11.60 -41.83
N ALA B 401 7.12 11.66 -43.08
CA ALA B 401 5.68 11.74 -43.33
C ALA B 401 4.94 10.47 -42.89
N ASP B 402 5.63 9.35 -42.73
CA ASP B 402 5.02 8.09 -42.32
C ASP B 402 5.06 7.87 -40.81
N MET B 403 5.49 8.86 -40.03
CA MET B 403 5.65 8.67 -38.60
C MET B 403 4.35 8.15 -37.99
N PRO B 404 4.37 7.03 -37.25
CA PRO B 404 3.16 6.58 -36.57
C PRO B 404 2.64 7.66 -35.64
N VAL B 405 1.33 7.82 -35.63
CA VAL B 405 0.66 8.80 -34.79
C VAL B 405 -0.59 8.17 -34.19
N ALA B 406 -0.90 8.52 -32.94
CA ALA B 406 -2.10 7.98 -32.32
C ALA B 406 -2.76 9.04 -31.45
N LEU B 407 -4.08 8.96 -31.33
CA LEU B 407 -4.84 9.84 -30.45
C LEU B 407 -5.66 9.01 -29.47
N VAL B 408 -5.56 9.38 -28.18
CA VAL B 408 -6.20 8.67 -27.09
C VAL B 408 -7.18 9.61 -26.38
N GLU B 409 -8.46 9.30 -26.47
CA GLU B 409 -9.53 10.09 -25.88
C GLU B 409 -10.06 9.39 -24.63
N ASN B 410 -10.29 10.16 -23.57
CA ASN B 410 -10.79 9.63 -22.29
C ASN B 410 -9.98 8.41 -21.84
N GLY B 411 -8.66 8.53 -21.92
CA GLY B 411 -7.76 7.47 -21.50
C GLY B 411 -8.05 6.97 -20.09
N THR B 412 -7.91 5.65 -19.92
CA THR B 412 -8.15 4.84 -18.73
C THR B 412 -9.64 4.67 -18.39
N SER B 413 -10.53 5.41 -19.06
CA SER B 413 -11.93 5.33 -18.69
C SER B 413 -12.63 4.18 -19.42
N VAL B 414 -13.87 3.89 -19.00
CA VAL B 414 -14.67 2.83 -19.61
C VAL B 414 -15.15 3.25 -21.00
N LYS B 415 -14.85 4.48 -21.41
CA LYS B 415 -15.21 4.97 -22.73
C LYS B 415 -14.00 5.46 -23.51
N GLN B 416 -12.81 5.00 -23.15
CA GLN B 416 -11.61 5.34 -23.91
C GLN B 416 -11.77 4.93 -25.36
N ARG B 417 -11.28 5.79 -26.26
CA ARG B 417 -11.26 5.58 -27.71
C ARG B 417 -9.83 5.84 -28.16
N VAL B 418 -9.30 4.95 -29.00
CA VAL B 418 -7.96 5.14 -29.56
C VAL B 418 -8.08 5.02 -31.06
N VAL B 419 -7.79 6.12 -31.75
CA VAL B 419 -7.61 6.12 -33.20
C VAL B 419 -6.14 6.38 -33.46
N HIS B 420 -5.62 5.77 -34.52
CA HIS B 420 -4.19 5.71 -34.74
C HIS B 420 -3.91 5.68 -36.24
N GLY B 421 -2.64 5.83 -36.59
CA GLY B 421 -2.24 5.80 -37.97
C GLY B 421 -0.90 6.45 -38.22
N VAL B 422 -0.90 7.44 -39.10
CA VAL B 422 0.31 7.99 -39.69
C VAL B 422 0.18 9.50 -39.76
N LEU B 423 1.33 10.19 -39.66
CA LEU B 423 1.36 11.66 -39.53
C LEU B 423 0.61 12.38 -40.64
N THR B 424 0.51 11.80 -41.85
CA THR B 424 -0.25 12.51 -42.88
C THR B 424 -1.76 12.49 -42.63
N GLN B 425 -2.24 11.83 -41.58
CA GLN B 425 -3.67 11.77 -41.28
C GLN B 425 -4.04 12.42 -39.96
N LEU B 426 -3.10 13.11 -39.30
CA LEU B 426 -3.35 13.62 -37.95
C LEU B 426 -4.54 14.59 -37.94
N GLY B 427 -4.64 15.44 -38.96
CA GLY B 427 -5.75 16.37 -39.02
C GLY B 427 -7.10 15.69 -39.00
N GLU B 428 -7.32 14.71 -39.88
CA GLU B 428 -8.63 14.07 -39.94
C GLU B 428 -8.87 13.14 -38.75
N LEU B 429 -7.84 12.39 -38.34
CA LEU B 429 -8.00 11.56 -37.14
C LEU B 429 -8.43 12.38 -35.94
N ALA B 430 -7.95 13.64 -35.84
CA ALA B 430 -8.27 14.50 -34.70
C ALA B 430 -9.74 14.90 -34.63
N GLN B 431 -10.46 14.84 -35.75
CA GLN B 431 -11.89 15.14 -35.73
C GLN B 431 -12.70 14.00 -35.14
N GLN B 432 -12.14 12.78 -35.08
CA GLN B 432 -12.83 11.61 -34.57
C GLN B 432 -12.88 11.57 -33.05
N VAL B 433 -12.16 12.46 -32.37
CA VAL B 433 -12.04 12.44 -30.93
C VAL B 433 -12.39 13.83 -30.38
N GLU B 434 -12.81 13.86 -29.13
CA GLU B 434 -13.15 15.08 -28.44
C GLU B 434 -12.28 15.24 -27.20
N SER B 435 -12.27 16.44 -26.64
CA SER B 435 -11.58 16.66 -25.38
C SER B 435 -12.22 15.80 -24.28
N PRO B 436 -11.42 15.25 -23.36
CA PRO B 436 -9.96 15.35 -23.28
C PRO B 436 -9.24 14.28 -24.06
N ALA B 437 -8.38 14.68 -24.99
CA ALA B 437 -7.63 13.73 -25.80
C ALA B 437 -6.15 14.04 -25.75
N LEU B 438 -5.35 13.01 -26.03
CA LEU B 438 -3.92 13.10 -26.08
C LEU B 438 -3.45 12.73 -27.48
N ILE B 439 -2.42 13.42 -27.96
CA ILE B 439 -1.80 13.12 -29.25
C ILE B 439 -0.42 12.58 -28.99
N ILE B 440 -0.13 11.39 -29.53
CA ILE B 440 1.17 10.73 -29.37
C ILE B 440 1.80 10.55 -30.74
N VAL B 441 3.03 11.04 -30.89
CA VAL B 441 3.80 10.94 -32.13
C VAL B 441 5.14 10.31 -31.83
N GLY B 442 5.50 9.31 -32.63
CA GLY B 442 6.78 8.62 -32.52
C GLY B 442 6.59 7.17 -32.89
N ARG B 443 7.72 6.51 -33.19
CA ARG B 443 7.70 5.11 -33.60
C ARG B 443 7.02 4.20 -32.56
N VAL B 444 6.98 4.61 -31.29
CA VAL B 444 6.36 3.77 -30.26
C VAL B 444 4.90 3.46 -30.59
N VAL B 445 4.21 4.34 -31.33
CA VAL B 445 2.81 4.12 -31.64
C VAL B 445 2.61 2.77 -32.32
N ALA B 446 3.56 2.37 -33.17
CA ALA B 446 3.43 1.13 -33.92
C ALA B 446 3.44 -0.11 -33.03
N LEU B 447 3.75 0.03 -31.74
CA LEU B 447 3.75 -1.12 -30.84
C LEU B 447 2.35 -1.50 -30.37
N ARG B 448 1.37 -0.63 -30.54
CA ARG B 448 0.02 -0.89 -30.06
C ARG B 448 -0.56 -2.18 -30.65
N ASP B 449 -0.13 -2.55 -31.86
CA ASP B 449 -0.63 -3.81 -32.41
C ASP B 449 -0.22 -5.02 -31.58
N LYS B 450 0.88 -4.95 -30.83
CA LYS B 450 1.31 -6.06 -29.98
C LYS B 450 0.78 -5.97 -28.55
N LEU B 451 0.51 -4.76 -28.05
CA LEU B 451 0.32 -4.50 -26.62
C LEU B 451 -1.07 -3.98 -26.28
N ASN B 452 -1.99 -3.95 -27.22
CA ASN B 452 -3.35 -3.52 -26.92
C ASN B 452 -4.04 -4.61 -26.11
N TRP B 453 -4.38 -4.30 -24.86
CA TRP B 453 -5.05 -5.21 -23.95
C TRP B 453 -6.40 -4.70 -23.46
N PHE B 454 -6.57 -3.37 -23.41
CA PHE B 454 -7.77 -2.68 -22.97
C PHE B 454 -8.77 -2.60 -24.12
N SER B 455 -10.00 -2.21 -23.80
CA SER B 455 -11.08 -2.21 -24.77
C SER B 455 -11.18 -0.86 -25.50
N ASN B 456 -11.30 -0.91 -26.82
CA ASN B 456 -11.49 0.27 -27.65
C ASN B 456 -12.98 0.49 -27.89
N HIS B 457 -13.42 1.73 -27.74
CA HIS B 457 -14.85 2.06 -27.81
C HIS B 457 -15.13 3.11 -28.88
#